data_9N0I
#
_entry.id   9N0I
#
_cell.length_a   52.904
_cell.length_b   90.290
_cell.length_c   89.572
_cell.angle_alpha   90.00
_cell.angle_beta   100.93
_cell.angle_gamma   90.00
#
_symmetry.space_group_name_H-M   'P 1 21 1'
#
loop_
_entity.id
_entity.type
_entity.pdbx_description
1 polymer 'De novo designed KABLE protein'
2 non-polymer 'CHLORIDE ION'
3 water water
#
_entity_poly.entity_id   1
_entity_poly.type   'polypeptide(L)'
_entity_poly.pdbx_seq_one_letter_code
;MHHHHHHENLYFQSSLKEKFAEYEAIGPRILELWQAARNAFEAGDLARVANLLAELKELFKKDLNLANAMAAEAAEAGNK
EAVALLAEQLERLKKIQAMFAAAVNAFRAGDREAFGALLEAIINEGKALLPLVEAIKEAI
;
_entity_poly.pdbx_strand_id   A,B,C,D,E,F
#
loop_
_chem_comp.id
_chem_comp.type
_chem_comp.name
_chem_comp.formula
CL non-polymer 'CHLORIDE ION' 'Cl -1'
#
# COMPACT_ATOMS: atom_id res chain seq x y z
N SER A 15 -28.51 27.27 -8.15
CA SER A 15 -27.53 27.60 -7.09
C SER A 15 -26.23 26.82 -7.32
N LEU A 16 -25.21 27.24 -6.59
CA LEU A 16 -23.94 26.55 -6.61
C LEU A 16 -24.03 25.20 -5.93
N LYS A 17 -24.87 25.08 -4.90
CA LYS A 17 -25.05 23.79 -4.25
C LYS A 17 -25.81 22.82 -5.14
N GLU A 18 -26.73 23.29 -5.96
CA GLU A 18 -27.44 22.40 -6.85
C GLU A 18 -26.47 21.73 -7.82
N LYS A 19 -25.49 22.49 -8.31
CA LYS A 19 -24.48 21.93 -9.21
C LYS A 19 -23.55 20.98 -8.48
N PHE A 20 -23.06 21.37 -7.30
CA PHE A 20 -22.11 20.53 -6.60
C PHE A 20 -22.69 19.14 -6.36
N ALA A 21 -23.98 19.06 -6.12
CA ALA A 21 -24.59 17.76 -5.85
C ALA A 21 -24.49 16.86 -7.05
N GLU A 22 -24.70 17.40 -8.24
CA GLU A 22 -24.51 16.61 -9.46
C GLU A 22 -23.04 16.27 -9.67
N TYR A 23 -22.18 17.27 -9.51
CA TYR A 23 -20.74 17.09 -9.65
C TYR A 23 -20.23 15.97 -8.77
N GLU A 24 -20.60 16.01 -7.48
CA GLU A 24 -20.10 15.04 -6.52
C GLU A 24 -20.54 13.63 -6.86
N ALA A 25 -21.71 13.45 -7.47
CA ALA A 25 -22.17 12.12 -7.80
C ALA A 25 -21.43 11.53 -9.00
N ILE A 26 -20.91 12.38 -9.88
CA ILE A 26 -20.44 11.88 -11.17
C ILE A 26 -19.00 11.35 -11.07
N GLY A 27 -18.13 11.93 -10.23
CA GLY A 27 -16.77 11.41 -10.09
C GLY A 27 -16.62 9.91 -9.82
N PRO A 28 -17.38 9.39 -8.87
CA PRO A 28 -17.29 7.94 -8.59
C PRO A 28 -17.82 7.09 -9.71
N ARG A 29 -18.80 7.59 -10.46
CA ARG A 29 -19.31 6.86 -11.61
C ARG A 29 -18.25 6.75 -12.70
N ILE A 30 -17.63 7.88 -13.02
CA ILE A 30 -16.52 7.88 -13.95
C ILE A 30 -15.48 6.87 -13.51
N LEU A 31 -15.05 6.93 -12.25
CA LEU A 31 -14.00 6.01 -11.80
C LEU A 31 -14.42 4.57 -12.05
N GLU A 32 -15.66 4.24 -11.67
CA GLU A 32 -16.14 2.88 -11.82
C GLU A 32 -16.08 2.45 -13.28
N LEU A 33 -16.48 3.35 -14.20
CA LEU A 33 -16.49 2.98 -15.62
C LEU A 33 -15.08 2.82 -16.15
N TRP A 34 -14.12 3.65 -15.69
CA TRP A 34 -12.73 3.46 -16.12
C TRP A 34 -12.25 2.07 -15.72
N GLN A 35 -12.62 1.64 -14.51
CA GLN A 35 -12.20 0.34 -14.01
C GLN A 35 -12.92 -0.76 -14.75
N ALA A 36 -14.21 -0.56 -15.05
CA ALA A 36 -14.91 -1.53 -15.88
C ALA A 36 -14.27 -1.60 -17.27
N ALA A 37 -13.88 -0.45 -17.83
CA ALA A 37 -13.23 -0.49 -19.14
C ALA A 37 -11.99 -1.37 -19.09
N ARG A 38 -11.20 -1.22 -18.02
CA ARG A 38 -9.99 -2.03 -17.85
C ARG A 38 -10.33 -3.51 -17.80
N ASN A 39 -11.31 -3.89 -16.98
CA ASN A 39 -11.70 -5.28 -16.83
C ASN A 39 -12.17 -5.85 -18.15
N ALA A 40 -13.04 -5.12 -18.84
CA ALA A 40 -13.51 -5.55 -20.15
C ALA A 40 -12.37 -5.67 -21.16
N PHE A 41 -11.36 -4.80 -21.07
CA PHE A 41 -10.23 -4.86 -22.00
C PHE A 41 -9.35 -6.07 -21.74
N GLU A 42 -9.14 -6.41 -20.47
CA GLU A 42 -8.33 -7.58 -20.17
C GLU A 42 -9.06 -8.85 -20.56
N ALA A 43 -10.37 -8.84 -20.48
CA ALA A 43 -11.18 -9.95 -20.93
C ALA A 43 -11.31 -10.06 -22.45
N GLY A 44 -10.80 -9.10 -23.21
CA GLY A 44 -11.03 -9.08 -24.65
C GLY A 44 -12.38 -8.54 -25.11
N ASP A 45 -13.24 -8.07 -24.20
CA ASP A 45 -14.58 -7.60 -24.61
C ASP A 45 -14.48 -6.15 -25.15
N LEU A 46 -14.07 -6.04 -26.41
CA LEU A 46 -13.71 -4.74 -26.98
C LEU A 46 -14.93 -3.94 -27.35
N ALA A 47 -16.01 -4.63 -27.64
CA ALA A 47 -17.28 -3.95 -27.89
C ALA A 47 -17.72 -3.24 -26.64
N ARG A 48 -17.58 -3.91 -25.50
CA ARG A 48 -17.94 -3.29 -24.22
C ARG A 48 -16.92 -2.22 -23.81
N VAL A 49 -15.63 -2.43 -24.09
CA VAL A 49 -14.67 -1.34 -23.91
C VAL A 49 -15.18 -0.10 -24.64
N ALA A 50 -15.52 -0.26 -25.93
CA ALA A 50 -16.00 0.86 -26.73
C ALA A 50 -17.23 1.50 -26.13
N ASN A 51 -18.19 0.67 -25.71
CA ASN A 51 -19.42 1.19 -25.11
C ASN A 51 -19.09 2.02 -23.90
N LEU A 52 -18.21 1.49 -23.03
CA LEU A 52 -17.83 2.20 -21.83
C LEU A 52 -17.12 3.50 -22.17
N LEU A 53 -16.19 3.46 -23.14
CA LEU A 53 -15.54 4.70 -23.59
C LEU A 53 -16.58 5.70 -24.09
N ALA A 54 -17.59 5.23 -24.82
CA ALA A 54 -18.58 6.14 -25.35
C ALA A 54 -19.30 6.83 -24.21
N GLU A 55 -19.64 6.06 -23.17
CA GLU A 55 -20.32 6.70 -22.05
C GLU A 55 -19.37 7.59 -21.24
N LEU A 56 -18.10 7.20 -21.15
CA LEU A 56 -17.12 8.03 -20.44
C LEU A 56 -16.96 9.40 -21.07
N LYS A 57 -17.00 9.49 -22.42
CA LYS A 57 -16.85 10.80 -23.07
C LYS A 57 -18.00 11.73 -22.68
N GLU A 58 -19.22 11.19 -22.58
CA GLU A 58 -20.37 11.97 -22.13
C GLU A 58 -20.22 12.42 -20.67
N LEU A 59 -19.93 11.48 -19.77
CA LEU A 59 -19.81 11.83 -18.36
C LEU A 59 -18.65 12.78 -18.13
N PHE A 60 -17.53 12.55 -18.82
CA PHE A 60 -16.42 13.47 -18.68
C PHE A 60 -16.77 14.87 -19.16
N LYS A 61 -17.47 14.96 -20.29
CA LYS A 61 -17.92 16.29 -20.76
C LYS A 61 -18.80 16.93 -19.70
N LYS A 62 -19.69 16.14 -19.10
CA LYS A 62 -20.55 16.66 -18.04
C LYS A 62 -19.72 17.11 -16.85
N ASP A 63 -18.73 16.32 -16.46
CA ASP A 63 -17.93 16.68 -15.29
C ASP A 63 -17.23 18.01 -15.53
N LEU A 64 -16.58 18.16 -16.70
CA LEU A 64 -15.78 19.35 -16.97
C LEU A 64 -16.67 20.59 -17.04
N ASN A 65 -17.86 20.45 -17.64
CA ASN A 65 -18.80 21.55 -17.73
C ASN A 65 -19.27 21.99 -16.35
N LEU A 66 -19.55 21.03 -15.46
CA LEU A 66 -19.97 21.42 -14.10
C LEU A 66 -18.83 22.09 -13.34
N ALA A 67 -17.61 21.58 -13.43
CA ALA A 67 -16.51 22.26 -12.74
C ALA A 67 -16.37 23.73 -13.21
N ASN A 68 -16.43 23.97 -14.53
CA ASN A 68 -16.35 25.34 -15.02
C ASN A 68 -17.55 26.18 -14.57
N ALA A 69 -18.76 25.64 -14.68
CA ALA A 69 -19.92 26.40 -14.25
C ALA A 69 -19.86 26.75 -12.75
N MET A 70 -19.39 25.82 -11.92
CA MET A 70 -19.30 26.11 -10.50
C MET A 70 -18.22 27.15 -10.23
N ALA A 71 -17.14 27.13 -10.99
CA ALA A 71 -16.13 28.17 -10.84
C ALA A 71 -16.72 29.52 -11.19
N ALA A 72 -17.53 29.57 -12.25
CA ALA A 72 -18.23 30.81 -12.60
C ALA A 72 -19.22 31.21 -11.51
N GLU A 73 -20.06 30.27 -11.07
CA GLU A 73 -20.97 30.55 -9.96
C GLU A 73 -20.24 30.91 -8.67
N ALA A 74 -19.22 30.17 -8.28
CA ALA A 74 -18.50 30.57 -7.07
C ALA A 74 -17.81 31.91 -7.23
N ALA A 75 -17.42 32.28 -8.46
CA ALA A 75 -16.81 33.60 -8.61
C ALA A 75 -17.82 34.72 -8.33
N GLU A 76 -19.02 34.60 -8.89
CA GLU A 76 -20.05 35.60 -8.70
C GLU A 76 -20.34 35.88 -7.24
N ALA A 77 -20.27 34.86 -6.40
CA ALA A 77 -20.56 34.99 -4.98
C ALA A 77 -19.38 35.45 -4.16
N GLY A 78 -18.23 35.68 -4.80
CA GLY A 78 -17.05 36.02 -4.04
C GLY A 78 -16.52 34.92 -3.16
N ASN A 79 -16.95 33.68 -3.38
CA ASN A 79 -16.33 32.56 -2.70
C ASN A 79 -14.97 32.29 -3.33
N LYS A 80 -13.94 32.98 -2.83
CA LYS A 80 -12.60 32.82 -3.37
C LYS A 80 -12.00 31.47 -3.02
N GLU A 81 -12.43 30.90 -1.90
CA GLU A 81 -11.87 29.62 -1.48
C GLU A 81 -12.33 28.52 -2.42
N ALA A 82 -13.60 28.57 -2.80
CA ALA A 82 -14.15 27.57 -3.69
C ALA A 82 -13.58 27.72 -5.11
N VAL A 83 -13.44 28.95 -5.61
CA VAL A 83 -12.81 29.15 -6.91
C VAL A 83 -11.45 28.50 -6.93
N ALA A 84 -10.68 28.64 -5.84
CA ALA A 84 -9.35 28.05 -5.81
C ALA A 84 -9.40 26.51 -5.82
N LEU A 85 -10.25 25.89 -5.00
CA LEU A 85 -10.37 24.43 -5.09
C LEU A 85 -10.80 24.00 -6.49
N LEU A 86 -11.71 24.75 -7.10
CA LEU A 86 -12.21 24.41 -8.42
C LEU A 86 -11.13 24.60 -9.47
N ALA A 87 -10.19 25.50 -9.25
CA ALA A 87 -9.11 25.68 -10.22
C ALA A 87 -8.17 24.50 -10.24
N GLU A 88 -7.79 23.94 -9.08
CA GLU A 88 -6.86 22.81 -9.13
C GLU A 88 -7.58 21.58 -9.62
N GLN A 89 -8.89 21.51 -9.43
CA GLN A 89 -9.61 20.39 -9.98
C GLN A 89 -9.70 20.47 -11.49
N LEU A 90 -9.84 21.69 -12.01
CA LEU A 90 -9.84 21.92 -13.44
C LEU A 90 -8.49 21.64 -14.06
N GLU A 91 -7.39 21.88 -13.33
CA GLU A 91 -6.09 21.53 -13.88
C GLU A 91 -5.96 20.01 -13.99
N ARG A 92 -6.42 19.27 -12.98
CA ARG A 92 -6.44 17.82 -13.09
C ARG A 92 -7.36 17.35 -14.21
N LEU A 93 -8.55 17.95 -14.32
CA LEU A 93 -9.45 17.56 -15.39
C LEU A 93 -8.80 17.75 -16.74
N LYS A 94 -8.02 18.82 -16.91
CA LYS A 94 -7.42 19.05 -18.23
C LYS A 94 -6.41 17.94 -18.56
N LYS A 95 -5.66 17.48 -17.56
CA LYS A 95 -4.73 16.40 -17.80
C LYS A 95 -5.47 15.10 -18.11
N ILE A 96 -6.53 14.81 -17.38
CA ILE A 96 -7.31 13.63 -17.67
C ILE A 96 -7.83 13.68 -19.09
N GLN A 97 -8.24 14.87 -19.54
CA GLN A 97 -8.77 14.97 -20.89
C GLN A 97 -7.73 14.53 -21.90
N ALA A 98 -6.50 15.03 -21.75
CA ALA A 98 -5.42 14.61 -22.64
C ALA A 98 -5.11 13.13 -22.51
N MET A 99 -5.26 12.54 -21.32
CA MET A 99 -4.96 11.14 -21.17
C MET A 99 -6.03 10.32 -21.87
N PHE A 100 -7.27 10.75 -21.68
CA PHE A 100 -8.44 10.17 -22.33
C PHE A 100 -8.25 10.17 -23.84
N ALA A 101 -7.90 11.33 -24.41
CA ALA A 101 -7.73 11.37 -25.84
C ALA A 101 -6.66 10.38 -26.29
N ALA A 102 -5.54 10.30 -25.55
CA ALA A 102 -4.50 9.34 -25.89
C ALA A 102 -5.00 7.90 -25.71
N ALA A 103 -5.87 7.66 -24.72
CA ALA A 103 -6.41 6.31 -24.52
C ALA A 103 -7.30 5.90 -25.70
N VAL A 104 -8.17 6.79 -26.15
CA VAL A 104 -9.03 6.49 -27.29
C VAL A 104 -8.20 6.17 -28.54
N ASN A 105 -7.14 6.94 -28.82
CA ASN A 105 -6.28 6.64 -29.97
C ASN A 105 -5.53 5.31 -29.81
N ALA A 106 -5.08 5.01 -28.60
CA ALA A 106 -4.43 3.72 -28.36
C ALA A 106 -5.41 2.56 -28.60
N PHE A 107 -6.65 2.74 -28.17
CA PHE A 107 -7.69 1.76 -28.38
C PHE A 107 -7.88 1.49 -29.86
N ARG A 108 -7.95 2.53 -30.66
CA ARG A 108 -8.31 2.37 -32.06
C ARG A 108 -7.18 1.75 -32.86
N ALA A 109 -5.95 2.06 -32.50
CA ALA A 109 -4.75 1.49 -33.07
C ALA A 109 -4.45 0.07 -32.59
N GLY A 110 -5.17 -0.45 -31.59
CA GLY A 110 -4.79 -1.73 -31.00
C GLY A 110 -3.44 -1.72 -30.32
N ASP A 111 -2.99 -0.56 -29.84
CA ASP A 111 -1.79 -0.48 -29.03
C ASP A 111 -2.16 -0.85 -27.61
N ARG A 112 -2.03 -2.15 -27.31
CA ARG A 112 -2.54 -2.68 -26.06
C ARG A 112 -1.73 -2.22 -24.87
N GLU A 113 -0.40 -2.10 -25.02
CA GLU A 113 0.41 -1.70 -23.87
C GLU A 113 0.17 -0.22 -23.54
N ALA A 114 0.14 0.67 -24.56
CA ALA A 114 -0.26 2.07 -24.33
C ALA A 114 -1.62 2.17 -23.66
N PHE A 115 -2.60 1.47 -24.22
CA PHE A 115 -3.95 1.53 -23.66
C PHE A 115 -3.95 1.10 -22.19
N GLY A 116 -3.31 -0.04 -21.89
CA GLY A 116 -3.28 -0.53 -20.53
C GLY A 116 -2.57 0.41 -19.58
N ALA A 117 -1.45 0.99 -20.02
CA ALA A 117 -0.75 1.96 -19.21
C ALA A 117 -1.59 3.23 -19.01
N LEU A 118 -2.23 3.73 -20.07
CA LEU A 118 -3.07 4.93 -19.94
C LEU A 118 -4.23 4.67 -19.01
N LEU A 119 -4.81 3.48 -19.06
CA LEU A 119 -5.88 3.15 -18.13
C LEU A 119 -5.43 3.30 -16.68
N GLU A 120 -4.23 2.82 -16.36
CA GLU A 120 -3.73 2.94 -14.99
C GLU A 120 -3.60 4.38 -14.59
N ALA A 121 -2.96 5.17 -15.45
CA ALA A 121 -2.72 6.57 -15.17
C ALA A 121 -4.05 7.30 -14.99
N ILE A 122 -5.06 6.95 -15.78
CA ILE A 122 -6.32 7.68 -15.71
C ILE A 122 -7.02 7.31 -14.42
N ILE A 123 -6.98 6.04 -14.07
CA ILE A 123 -7.71 5.59 -12.90
C ILE A 123 -7.11 6.26 -11.65
N ASN A 124 -5.78 6.36 -11.62
CA ASN A 124 -5.12 6.95 -10.46
C ASN A 124 -5.45 8.42 -10.37
N GLU A 125 -5.47 9.10 -11.52
CA GLU A 125 -5.91 10.48 -11.52
C GLU A 125 -7.37 10.58 -11.09
N GLY A 126 -8.20 9.66 -11.55
CA GLY A 126 -9.58 9.68 -11.10
C GLY A 126 -9.70 9.55 -9.60
N LYS A 127 -8.93 8.63 -9.01
CA LYS A 127 -8.97 8.46 -7.58
C LYS A 127 -8.53 9.72 -6.89
N ALA A 128 -7.47 10.37 -7.41
CA ALA A 128 -6.91 11.54 -6.75
C ALA A 128 -7.85 12.73 -6.76
N LEU A 129 -8.87 12.72 -7.61
CA LEU A 129 -9.80 13.83 -7.67
C LEU A 129 -10.78 13.81 -6.51
N LEU A 130 -11.19 12.62 -6.11
CA LEU A 130 -12.31 12.51 -5.18
C LEU A 130 -12.06 13.21 -3.84
N PRO A 131 -10.92 13.04 -3.16
CA PRO A 131 -10.75 13.76 -1.87
C PRO A 131 -10.90 15.26 -1.98
N LEU A 132 -10.47 15.88 -3.09
CA LEU A 132 -10.58 17.32 -3.23
C LEU A 132 -12.02 17.77 -3.46
N VAL A 133 -12.83 16.92 -4.08
CA VAL A 133 -14.26 17.18 -4.21
C VAL A 133 -14.90 17.32 -2.84
N GLU A 134 -14.44 16.52 -1.87
CA GLU A 134 -14.93 16.63 -0.50
C GLU A 134 -14.74 18.04 0.05
N ALA A 135 -13.53 18.57 -0.09
CA ALA A 135 -13.24 19.92 0.38
C ALA A 135 -14.16 20.94 -0.24
N ILE A 136 -14.60 20.71 -1.49
CA ILE A 136 -15.44 21.70 -2.14
C ILE A 136 -16.78 21.77 -1.42
N LYS A 137 -17.31 20.60 -1.02
CA LYS A 137 -18.55 20.63 -0.24
C LYS A 137 -18.42 21.61 0.91
N GLU A 138 -17.26 21.59 1.58
CA GLU A 138 -17.11 22.40 2.79
C GLU A 138 -17.05 23.89 2.46
N ALA A 139 -16.47 24.25 1.31
CA ALA A 139 -16.25 25.66 1.00
C ALA A 139 -17.50 26.37 0.49
N ILE A 140 -18.52 25.63 0.09
CA ILE A 140 -19.72 26.26 -0.41
C ILE A 140 -20.81 26.36 0.67
N SER B 15 29.80 -19.85 -16.36
CA SER B 15 28.80 -20.72 -15.65
C SER B 15 27.52 -19.97 -15.31
N LEU B 16 26.61 -20.69 -14.65
CA LEU B 16 25.32 -20.11 -14.30
C LEU B 16 25.47 -18.96 -13.31
N LYS B 17 26.34 -19.12 -12.32
CA LYS B 17 26.49 -18.13 -11.27
C LYS B 17 27.22 -16.90 -11.77
N GLU B 18 28.27 -17.09 -12.59
CA GLU B 18 28.91 -15.95 -13.22
C GLU B 18 27.89 -15.08 -13.96
N LYS B 19 26.92 -15.72 -14.63
CA LYS B 19 25.90 -14.97 -15.37
C LYS B 19 24.98 -14.22 -14.42
N PHE B 20 24.51 -14.89 -13.36
CA PHE B 20 23.71 -14.20 -12.37
C PHE B 20 24.45 -13.01 -11.79
N ALA B 21 25.71 -13.20 -11.41
CA ALA B 21 26.50 -12.06 -10.97
C ALA B 21 26.28 -10.89 -11.91
N GLU B 22 26.42 -11.14 -13.21
CA GLU B 22 26.22 -10.06 -14.17
C GLU B 22 24.76 -9.60 -14.21
N TYR B 23 23.81 -10.54 -14.19
CA TYR B 23 22.40 -10.18 -14.26
C TYR B 23 21.99 -9.32 -13.05
N GLU B 24 22.56 -9.62 -11.89
CA GLU B 24 22.19 -8.96 -10.64
C GLU B 24 22.52 -7.47 -10.66
N ALA B 25 23.58 -7.09 -11.35
CA ALA B 25 23.99 -5.70 -11.38
C ALA B 25 23.28 -4.91 -12.47
N ILE B 26 22.91 -5.58 -13.57
CA ILE B 26 22.30 -4.89 -14.71
C ILE B 26 20.90 -4.36 -14.36
N GLY B 27 20.07 -5.17 -13.73
CA GLY B 27 18.69 -4.82 -13.46
C GLY B 27 18.55 -3.43 -12.86
N PRO B 28 19.17 -3.20 -11.68
CA PRO B 28 19.02 -1.88 -11.04
C PRO B 28 19.60 -0.77 -11.87
N ARG B 29 20.64 -1.04 -12.66
CA ARG B 29 21.16 0.00 -13.55
C ARG B 29 20.13 0.34 -14.62
N ILE B 30 19.48 -0.67 -15.21
CA ILE B 30 18.42 -0.41 -16.20
C ILE B 30 17.31 0.41 -15.57
N LEU B 31 16.85 -0.04 -14.40
CA LEU B 31 15.83 0.67 -13.63
C LEU B 31 16.19 2.14 -13.40
N GLU B 32 17.44 2.40 -13.04
CA GLU B 32 17.85 3.79 -12.83
C GLU B 32 17.77 4.59 -14.12
N LEU B 33 18.11 3.95 -15.24
CA LEU B 33 18.00 4.64 -16.51
C LEU B 33 16.56 5.01 -16.84
N TRP B 34 15.62 4.07 -16.59
CA TRP B 34 14.21 4.36 -16.82
C TRP B 34 13.73 5.56 -15.98
N GLN B 35 14.05 5.56 -14.69
CA GLN B 35 13.71 6.69 -13.85
C GLN B 35 14.34 7.98 -14.37
N ALA B 36 15.58 7.91 -14.85
CA ALA B 36 16.19 9.12 -15.41
C ALA B 36 15.47 9.56 -16.69
N ALA B 37 14.96 8.62 -17.47
CA ALA B 37 14.29 9.00 -18.70
C ALA B 37 12.97 9.69 -18.37
N ARG B 38 12.26 9.16 -17.38
CA ARG B 38 11.07 9.81 -16.86
C ARG B 38 11.42 11.24 -16.47
N ASN B 39 12.50 11.42 -15.71
CA ASN B 39 12.81 12.75 -15.19
C ASN B 39 13.18 13.70 -16.33
N ALA B 40 13.95 13.22 -17.33
CA ALA B 40 14.30 14.08 -18.46
C ALA B 40 13.08 14.44 -19.29
N PHE B 41 12.12 13.51 -19.40
CA PHE B 41 10.90 13.79 -20.15
C PHE B 41 10.01 14.79 -19.42
N GLU B 42 9.91 14.68 -18.08
CA GLU B 42 9.10 15.64 -17.32
C GLU B 42 9.71 17.04 -17.40
N ALA B 43 11.02 17.11 -17.60
CA ALA B 43 11.80 18.33 -17.77
C ALA B 43 11.75 18.89 -19.18
N GLY B 44 11.21 18.16 -20.13
CA GLY B 44 11.30 18.57 -21.50
C GLY B 44 12.66 18.40 -22.13
N ASP B 45 13.58 17.68 -21.47
CA ASP B 45 14.92 17.43 -22.01
C ASP B 45 14.84 16.23 -22.99
N LEU B 46 14.27 16.50 -24.17
CA LEU B 46 14.00 15.42 -25.11
C LEU B 46 15.27 14.82 -25.66
N ALA B 47 16.32 15.63 -25.84
CA ALA B 47 17.55 15.07 -26.40
C ALA B 47 18.15 14.08 -25.42
N ARG B 48 18.05 14.39 -24.12
CA ARG B 48 18.47 13.47 -23.08
C ARG B 48 17.59 12.22 -23.02
N VAL B 49 16.28 12.37 -23.24
CA VAL B 49 15.42 11.19 -23.31
C VAL B 49 15.89 10.28 -24.44
N ALA B 50 16.13 10.85 -25.62
CA ALA B 50 16.46 10.02 -26.77
C ALA B 50 17.74 9.25 -26.54
N ASN B 51 18.69 9.83 -25.79
CA ASN B 51 19.95 9.13 -25.49
C ASN B 51 19.75 8.04 -24.47
N LEU B 52 18.94 8.30 -23.45
CA LEU B 52 18.69 7.24 -22.50
C LEU B 52 17.99 6.07 -23.17
N LEU B 53 17.01 6.34 -24.04
CA LEU B 53 16.28 5.23 -24.64
C LEU B 53 17.25 4.36 -25.43
N ALA B 54 18.29 4.98 -26.01
CA ALA B 54 19.24 4.26 -26.84
C ALA B 54 20.19 3.45 -25.99
N GLU B 55 20.62 4.03 -24.87
CA GLU B 55 21.34 3.24 -23.87
C GLU B 55 20.47 2.09 -23.35
N LEU B 56 19.20 2.36 -23.11
CA LEU B 56 18.30 1.32 -22.60
C LEU B 56 18.15 0.18 -23.60
N LYS B 57 18.08 0.51 -24.90
CA LYS B 57 17.90 -0.54 -25.88
C LYS B 57 19.08 -1.50 -25.82
N GLU B 58 20.28 -0.97 -25.70
CA GLU B 58 21.45 -1.87 -25.71
C GLU B 58 21.54 -2.65 -24.40
N LEU B 59 21.24 -1.99 -23.27
CA LEU B 59 21.34 -2.70 -22.01
C LEU B 59 20.23 -3.73 -21.86
N PHE B 60 19.02 -3.39 -22.28
CA PHE B 60 17.95 -4.37 -22.16
C PHE B 60 18.25 -5.64 -22.97
N LYS B 61 18.96 -5.51 -24.10
CA LYS B 61 19.34 -6.68 -24.89
C LYS B 61 20.25 -7.61 -24.08
N LYS B 62 21.31 -7.08 -23.47
CA LYS B 62 22.15 -7.94 -22.62
C LYS B 62 21.34 -8.58 -21.49
N ASP B 63 20.46 -7.83 -20.87
CA ASP B 63 19.64 -8.37 -19.78
C ASP B 63 18.85 -9.59 -20.26
N LEU B 64 18.12 -9.44 -21.38
CA LEU B 64 17.37 -10.55 -21.93
C LEU B 64 18.28 -11.72 -22.33
N ASN B 65 19.48 -11.43 -22.84
CA ASN B 65 20.40 -12.52 -23.20
C ASN B 65 20.83 -13.28 -21.97
N LEU B 66 21.23 -12.58 -20.90
CA LEU B 66 21.51 -13.26 -19.63
C LEU B 66 20.34 -14.10 -19.17
N ALA B 67 19.13 -13.53 -19.18
CA ALA B 67 17.99 -14.28 -18.66
C ALA B 67 17.81 -15.60 -19.39
N ASN B 68 17.86 -15.55 -20.73
CA ASN B 68 17.67 -16.76 -21.55
C ASN B 68 18.81 -17.75 -21.35
N ALA B 69 20.06 -17.25 -21.35
CA ALA B 69 21.19 -18.13 -21.10
C ALA B 69 21.09 -18.80 -19.73
N MET B 70 20.75 -18.01 -18.69
CA MET B 70 20.60 -18.62 -17.37
C MET B 70 19.47 -19.66 -17.36
N ALA B 71 18.36 -19.39 -18.03
CA ALA B 71 17.28 -20.38 -18.03
C ALA B 71 17.70 -21.69 -18.69
N ALA B 72 18.65 -21.65 -19.62
CA ALA B 72 19.02 -22.87 -20.32
C ALA B 72 20.06 -23.66 -19.53
N GLU B 73 21.12 -23.00 -19.05
CA GLU B 73 21.99 -23.60 -18.04
C GLU B 73 21.14 -24.27 -16.96
N ALA B 74 20.25 -23.50 -16.34
CA ALA B 74 19.49 -24.08 -15.23
C ALA B 74 18.81 -25.35 -15.69
N ALA B 75 18.17 -25.30 -16.88
CA ALA B 75 17.37 -26.43 -17.36
C ALA B 75 18.25 -27.62 -17.72
N GLU B 76 19.43 -27.38 -18.28
CA GLU B 76 20.30 -28.48 -18.63
C GLU B 76 20.88 -29.14 -17.38
N ALA B 77 20.87 -28.46 -16.24
CA ALA B 77 21.36 -29.04 -15.00
C ALA B 77 20.25 -29.68 -14.18
N GLY B 78 19.03 -29.67 -14.69
CA GLY B 78 17.92 -30.24 -13.97
C GLY B 78 17.41 -29.41 -12.81
N ASN B 79 17.81 -28.15 -12.70
CA ASN B 79 17.39 -27.26 -11.61
C ASN B 79 15.98 -26.76 -11.93
N LYS B 80 14.98 -27.58 -11.58
CA LYS B 80 13.58 -27.21 -11.87
C LYS B 80 13.21 -25.92 -11.14
N GLU B 81 13.76 -25.76 -9.94
CA GLU B 81 13.54 -24.58 -9.12
C GLU B 81 13.91 -23.31 -9.87
N ALA B 82 15.16 -23.19 -10.29
CA ALA B 82 15.61 -21.97 -10.96
C ALA B 82 14.92 -21.78 -12.31
N VAL B 83 14.52 -22.86 -12.96
CA VAL B 83 13.81 -22.77 -14.24
C VAL B 83 12.46 -22.09 -14.04
N ALA B 84 11.74 -22.49 -13.00
CA ALA B 84 10.51 -21.80 -12.65
C ALA B 84 10.75 -20.31 -12.45
N LEU B 85 11.70 -19.96 -11.60
CA LEU B 85 11.92 -18.55 -11.31
C LEU B 85 12.42 -17.80 -12.55
N LEU B 86 13.29 -18.43 -13.35
CA LEU B 86 13.82 -17.73 -14.51
C LEU B 86 12.77 -17.59 -15.61
N ALA B 87 11.96 -18.62 -15.84
CA ALA B 87 10.81 -18.49 -16.72
C ALA B 87 9.98 -17.26 -16.36
N GLU B 88 9.55 -17.17 -15.11
CA GLU B 88 8.81 -16.01 -14.66
C GLU B 88 9.55 -14.72 -15.01
N GLN B 89 10.86 -14.65 -14.73
CA GLN B 89 11.63 -13.47 -15.12
C GLN B 89 11.44 -13.16 -16.58
N LEU B 90 11.50 -14.20 -17.43
CA LEU B 90 11.39 -13.97 -18.87
C LEU B 90 9.99 -13.48 -19.22
N GLU B 91 8.96 -14.01 -18.55
CA GLU B 91 7.62 -13.53 -18.76
C GLU B 91 7.52 -12.02 -18.46
N ARG B 92 8.27 -11.54 -17.48
CA ARG B 92 8.11 -10.13 -17.13
C ARG B 92 8.97 -9.25 -18.01
N LEU B 93 10.13 -9.76 -18.42
CA LEU B 93 10.97 -9.04 -19.35
C LEU B 93 10.32 -8.93 -20.74
N LYS B 94 9.52 -9.93 -21.11
CA LYS B 94 8.81 -9.88 -22.40
C LYS B 94 7.71 -8.85 -22.36
N LYS B 95 6.98 -8.77 -21.25
CA LYS B 95 6.05 -7.67 -21.06
C LYS B 95 6.77 -6.34 -21.11
N ILE B 96 7.85 -6.20 -20.36
CA ILE B 96 8.59 -4.95 -20.37
C ILE B 96 9.01 -4.63 -21.79
N GLN B 97 9.46 -5.66 -22.53
CA GLN B 97 9.92 -5.42 -23.90
C GLN B 97 8.79 -4.90 -24.77
N ALA B 98 7.57 -5.41 -24.59
CA ALA B 98 6.42 -4.90 -25.36
C ALA B 98 6.09 -3.45 -24.96
N MET B 99 6.20 -3.13 -23.67
CA MET B 99 5.97 -1.76 -23.20
C MET B 99 7.03 -0.79 -23.74
N PHE B 100 8.29 -1.23 -23.72
CA PHE B 100 9.40 -0.47 -24.28
C PHE B 100 9.16 -0.16 -25.76
N ALA B 101 8.71 -1.15 -26.55
CA ALA B 101 8.46 -0.87 -27.96
C ALA B 101 7.30 0.12 -28.11
N ALA B 102 6.27 -0.02 -27.28
CA ALA B 102 5.15 0.93 -27.30
C ALA B 102 5.59 2.34 -26.86
N ALA B 103 6.51 2.42 -25.91
CA ALA B 103 7.03 3.71 -25.46
C ALA B 103 7.84 4.41 -26.54
N VAL B 104 8.75 3.68 -27.18
CA VAL B 104 9.51 4.26 -28.25
C VAL B 104 8.60 4.71 -29.38
N ASN B 105 7.60 3.90 -29.75
CA ASN B 105 6.66 4.38 -30.76
C ASN B 105 5.93 5.62 -30.29
N ALA B 106 5.59 5.71 -28.99
CA ALA B 106 4.79 6.86 -28.55
C ALA B 106 5.66 8.13 -28.54
N PHE B 107 6.91 7.97 -28.14
CA PHE B 107 7.88 9.07 -28.18
C PHE B 107 8.04 9.62 -29.59
N ARG B 108 8.31 8.74 -30.56
CA ARG B 108 8.49 9.16 -31.96
C ARG B 108 7.22 9.71 -32.58
N ALA B 109 6.06 9.30 -32.10
CA ALA B 109 4.78 9.81 -32.57
C ALA B 109 4.32 11.05 -31.80
N GLY B 110 5.10 11.52 -30.84
CA GLY B 110 4.73 12.75 -30.18
C GLY B 110 3.51 12.61 -29.29
N ASP B 111 3.24 11.40 -28.79
CA ASP B 111 2.10 11.15 -27.90
C ASP B 111 2.61 11.18 -26.47
N ARG B 112 2.63 12.38 -25.90
CA ARG B 112 3.28 12.60 -24.60
C ARG B 112 2.58 11.83 -23.49
N GLU B 113 1.25 11.79 -23.51
CA GLU B 113 0.55 11.14 -22.41
C GLU B 113 0.79 9.64 -22.40
N ALA B 114 0.81 9.03 -23.58
CA ALA B 114 1.08 7.61 -23.67
C ALA B 114 2.52 7.33 -23.27
N PHE B 115 3.46 8.14 -23.74
CA PHE B 115 4.85 7.93 -23.35
C PHE B 115 5.02 8.05 -21.82
N GLY B 116 4.59 9.17 -21.24
CA GLY B 116 4.61 9.31 -19.77
C GLY B 116 3.95 8.15 -19.03
N ALA B 117 2.80 7.68 -19.51
CA ALA B 117 2.09 6.59 -18.83
C ALA B 117 2.81 5.25 -18.99
N LEU B 118 3.48 5.06 -20.11
CA LEU B 118 4.23 3.82 -20.29
C LEU B 118 5.51 3.83 -19.48
N LEU B 119 6.21 4.96 -19.42
CA LEU B 119 7.40 5.02 -18.59
C LEU B 119 7.06 4.65 -17.14
N GLU B 120 5.95 5.21 -16.62
CA GLU B 120 5.49 4.88 -15.28
C GLU B 120 5.21 3.39 -15.14
N ALA B 121 4.53 2.81 -16.12
CA ALA B 121 4.25 1.39 -16.06
C ALA B 121 5.53 0.54 -16.15
N ILE B 122 6.50 0.97 -16.95
CA ILE B 122 7.75 0.22 -17.07
C ILE B 122 8.52 0.27 -15.74
N ILE B 123 8.53 1.44 -15.09
CA ILE B 123 9.21 1.57 -13.80
C ILE B 123 8.53 0.67 -12.80
N ASN B 124 7.21 0.63 -12.80
N ASN B 124 7.19 0.65 -12.80
CA ASN B 124 6.53 -0.21 -11.82
CA ASN B 124 6.48 -0.20 -11.86
C ASN B 124 6.85 -1.68 -12.06
C ASN B 124 6.87 -1.66 -12.07
N GLU B 125 6.88 -2.12 -13.32
CA GLU B 125 7.25 -3.50 -13.61
C GLU B 125 8.69 -3.80 -13.14
N GLY B 126 9.62 -2.91 -13.44
CA GLY B 126 11.00 -3.13 -13.07
C GLY B 126 11.24 -3.09 -11.56
N LYS B 127 10.47 -2.26 -10.83
CA LYS B 127 10.56 -2.30 -9.37
C LYS B 127 10.07 -3.64 -8.85
N ALA B 128 9.02 -4.19 -9.48
CA ALA B 128 8.55 -5.50 -9.09
C ALA B 128 9.51 -6.61 -9.50
N LEU B 129 10.48 -6.32 -10.37
CA LEU B 129 11.47 -7.34 -10.72
C LEU B 129 12.44 -7.58 -9.60
N LEU B 130 12.94 -6.48 -8.95
CA LEU B 130 14.03 -6.51 -7.97
C LEU B 130 13.91 -7.69 -7.01
N PRO B 131 12.79 -7.88 -6.29
CA PRO B 131 12.73 -9.01 -5.34
C PRO B 131 12.95 -10.36 -5.97
N LEU B 132 12.33 -10.60 -7.11
CA LEU B 132 12.42 -11.91 -7.72
C LEU B 132 13.85 -12.26 -8.11
N VAL B 133 14.70 -11.25 -8.36
CA VAL B 133 16.09 -11.54 -8.69
C VAL B 133 16.83 -12.08 -7.48
N GLU B 134 16.44 -11.65 -6.28
CA GLU B 134 17.08 -12.17 -5.07
C GLU B 134 16.75 -13.66 -4.85
N ALA B 135 15.50 -14.07 -5.12
CA ALA B 135 15.11 -15.46 -4.94
C ALA B 135 15.89 -16.40 -5.83
N ILE B 136 16.34 -15.90 -6.98
CA ILE B 136 17.01 -16.74 -7.95
C ILE B 136 18.43 -17.05 -7.48
N LYS B 137 19.12 -16.04 -6.93
CA LYS B 137 20.35 -16.27 -6.17
C LYS B 137 20.26 -17.52 -5.30
N GLU B 138 19.16 -17.66 -4.55
CA GLU B 138 19.06 -18.72 -3.58
C GLU B 138 18.69 -20.05 -4.20
N ALA B 139 18.18 -20.05 -5.42
CA ALA B 139 17.73 -21.26 -6.10
C ALA B 139 18.80 -21.88 -6.98
N ILE B 140 19.79 -21.10 -7.38
CA ILE B 140 20.86 -21.54 -8.25
C ILE B 140 22.03 -21.97 -7.39
N SER C 15 3.37 -22.51 -5.77
CA SER C 15 3.56 -22.53 -4.29
C SER C 15 2.82 -21.37 -3.65
N LEU C 16 3.31 -20.93 -2.50
CA LEU C 16 2.73 -19.79 -1.81
C LEU C 16 2.79 -18.52 -2.65
N LYS C 17 3.74 -18.45 -3.60
CA LYS C 17 3.91 -17.24 -4.40
C LYS C 17 2.97 -17.19 -5.60
N GLU C 18 2.34 -18.31 -5.94
CA GLU C 18 1.32 -18.35 -6.96
C GLU C 18 -0.08 -18.23 -6.40
N LYS C 19 -0.30 -18.75 -5.19
CA LYS C 19 -1.49 -18.37 -4.46
C LYS C 19 -1.50 -16.87 -4.24
N PHE C 20 -0.32 -16.28 -3.92
CA PHE C 20 -0.30 -14.85 -3.65
C PHE C 20 -0.46 -14.04 -4.93
N ALA C 21 -0.05 -14.58 -6.08
CA ALA C 21 -0.33 -13.93 -7.35
C ALA C 21 -1.84 -13.77 -7.58
N GLU C 22 -2.61 -14.84 -7.38
CA GLU C 22 -4.05 -14.77 -7.49
C GLU C 22 -4.63 -13.83 -6.45
N TYR C 23 -4.11 -13.90 -5.23
CA TYR C 23 -4.72 -13.20 -4.10
C TYR C 23 -4.52 -11.70 -4.21
N GLU C 24 -3.31 -11.28 -4.54
CA GLU C 24 -3.00 -9.90 -4.89
C GLU C 24 -4.03 -9.27 -5.83
N ALA C 25 -4.40 -9.98 -6.90
CA ALA C 25 -5.35 -9.46 -7.88
C ALA C 25 -6.77 -9.35 -7.33
N ILE C 26 -7.19 -10.30 -6.51
CA ILE C 26 -8.62 -10.39 -6.22
C ILE C 26 -9.05 -9.26 -5.30
N GLY C 27 -8.19 -8.83 -4.39
CA GLY C 27 -8.57 -7.86 -3.38
C GLY C 27 -9.15 -6.60 -3.99
N PRO C 28 -8.35 -5.95 -4.84
CA PRO C 28 -8.83 -4.74 -5.53
C PRO C 28 -10.06 -4.98 -6.37
N ARG C 29 -10.16 -6.14 -7.03
CA ARG C 29 -11.34 -6.37 -7.84
C ARG C 29 -12.60 -6.49 -6.97
N ILE C 30 -12.48 -7.06 -5.77
CA ILE C 30 -13.65 -7.13 -4.89
C ILE C 30 -14.04 -5.73 -4.43
N LEU C 31 -13.06 -4.93 -4.08
CA LEU C 31 -13.32 -3.56 -3.65
C LEU C 31 -14.00 -2.74 -4.74
N GLU C 32 -13.54 -2.88 -5.98
CA GLU C 32 -14.21 -2.22 -7.11
C GLU C 32 -15.66 -2.67 -7.23
N LEU C 33 -15.90 -3.97 -7.04
CA LEU C 33 -17.27 -4.45 -7.15
C LEU C 33 -18.15 -3.88 -6.03
N TRP C 34 -17.59 -3.75 -4.83
CA TRP C 34 -18.33 -3.15 -3.72
C TRP C 34 -18.69 -1.70 -4.05
N GLN C 35 -17.73 -0.95 -4.60
CA GLN C 35 -17.97 0.44 -4.96
C GLN C 35 -19.03 0.57 -6.04
N ALA C 36 -18.98 -0.28 -7.07
CA ALA C 36 -20.01 -0.35 -8.11
C ALA C 36 -21.36 -0.65 -7.50
N ALA C 37 -21.42 -1.63 -6.59
CA ALA C 37 -22.66 -1.93 -5.88
C ALA C 37 -23.21 -0.70 -5.15
N ARG C 38 -22.35 0.02 -4.44
CA ARG C 38 -22.82 1.26 -3.82
C ARG C 38 -23.34 2.25 -4.86
N ASN C 39 -22.54 2.51 -5.90
CA ASN C 39 -22.98 3.40 -6.98
C ASN C 39 -24.30 2.96 -7.57
N ALA C 40 -24.47 1.67 -7.81
CA ALA C 40 -25.74 1.22 -8.39
C ALA C 40 -26.88 1.47 -7.42
N PHE C 41 -26.65 1.24 -6.14
CA PHE C 41 -27.67 1.49 -5.12
C PHE C 41 -28.06 2.96 -5.04
N GLU C 42 -27.08 3.84 -4.96
CA GLU C 42 -27.40 5.26 -4.86
C GLU C 42 -28.21 5.71 -6.06
N ALA C 43 -27.99 5.08 -7.20
CA ALA C 43 -28.68 5.41 -8.42
C ALA C 43 -30.00 4.67 -8.54
N GLY C 44 -30.30 3.79 -7.60
CA GLY C 44 -31.56 3.07 -7.61
C GLY C 44 -31.60 1.86 -8.51
N ASP C 45 -30.45 1.42 -9.06
CA ASP C 45 -30.39 0.34 -10.05
C ASP C 45 -30.27 -1.00 -9.31
N LEU C 46 -31.43 -1.45 -8.78
CA LEU C 46 -31.45 -2.52 -7.81
C LEU C 46 -31.19 -3.89 -8.44
N ALA C 47 -31.71 -4.14 -9.64
CA ALA C 47 -31.33 -5.36 -10.33
C ALA C 47 -29.82 -5.50 -10.41
N ARG C 48 -29.12 -4.39 -10.75
CA ARG C 48 -27.68 -4.51 -10.89
C ARG C 48 -26.98 -4.71 -9.53
N VAL C 49 -27.51 -4.10 -8.47
CA VAL C 49 -26.99 -4.41 -7.15
C VAL C 49 -27.06 -5.92 -6.90
N ALA C 50 -28.23 -6.52 -7.08
CA ALA C 50 -28.35 -7.95 -6.81
C ALA C 50 -27.38 -8.78 -7.65
N ASN C 51 -27.14 -8.38 -8.91
CA ASN C 51 -26.18 -9.12 -9.74
C ASN C 51 -24.74 -8.95 -9.24
N LEU C 52 -24.41 -7.74 -8.75
CA LEU C 52 -23.09 -7.52 -8.19
C LEU C 52 -22.89 -8.33 -6.91
N LEU C 53 -23.92 -8.39 -6.07
CA LEU C 53 -23.80 -9.11 -4.82
C LEU C 53 -23.56 -10.60 -5.09
N ALA C 54 -24.26 -11.15 -6.09
CA ALA C 54 -24.09 -12.56 -6.46
C ALA C 54 -22.67 -12.80 -6.94
N GLU C 55 -22.14 -11.88 -7.75
CA GLU C 55 -20.75 -11.96 -8.19
C GLU C 55 -19.80 -11.85 -7.02
N LEU C 56 -19.98 -10.83 -6.16
CA LEU C 56 -19.14 -10.67 -4.97
C LEU C 56 -19.11 -11.93 -4.14
N LYS C 57 -20.26 -12.55 -3.95
CA LYS C 57 -20.32 -13.80 -3.22
C LYS C 57 -19.30 -14.81 -3.79
N GLU C 58 -19.38 -15.05 -5.08
CA GLU C 58 -18.44 -15.96 -5.76
C GLU C 58 -17.00 -15.53 -5.56
N LEU C 59 -16.69 -14.26 -5.76
CA LEU C 59 -15.31 -13.83 -5.72
C LEU C 59 -14.78 -13.89 -4.29
N PHE C 60 -15.63 -13.52 -3.33
CA PHE C 60 -15.22 -13.48 -1.94
C PHE C 60 -14.88 -14.88 -1.43
N LYS C 61 -15.62 -15.87 -1.88
CA LYS C 61 -15.28 -17.28 -1.61
C LYS C 61 -13.86 -17.64 -2.11
N LYS C 62 -13.50 -17.25 -3.34
CA LYS C 62 -12.15 -17.54 -3.85
C LYS C 62 -11.07 -16.79 -3.08
N ASP C 63 -11.36 -15.54 -2.69
CA ASP C 63 -10.48 -14.76 -1.83
C ASP C 63 -10.19 -15.51 -0.53
N LEU C 64 -11.23 -16.02 0.14
CA LEU C 64 -11.08 -16.71 1.41
C LEU C 64 -10.23 -17.96 1.28
N ASN C 65 -10.50 -18.76 0.22
CA ASN C 65 -9.75 -19.99 -0.01
C ASN C 65 -8.29 -19.69 -0.23
N LEU C 66 -8.00 -18.73 -1.11
CA LEU C 66 -6.62 -18.34 -1.31
C LEU C 66 -5.96 -18.00 0.02
N ALA C 67 -6.65 -17.21 0.86
CA ALA C 67 -6.03 -16.70 2.06
C ALA C 67 -5.73 -17.83 3.03
N ASN C 68 -6.65 -18.80 3.13
CA ASN C 68 -6.46 -19.96 3.99
C ASN C 68 -5.34 -20.85 3.47
N ALA C 69 -5.36 -21.14 2.17
CA ALA C 69 -4.28 -21.91 1.55
C ALA C 69 -2.92 -21.28 1.83
N MET C 70 -2.83 -19.96 1.76
CA MET C 70 -1.53 -19.33 1.94
C MET C 70 -1.09 -19.43 3.39
N ALA C 71 -2.01 -19.24 4.32
CA ALA C 71 -1.63 -19.32 5.72
C ALA C 71 -1.05 -20.67 6.02
N ALA C 72 -1.75 -21.74 5.59
CA ALA C 72 -1.29 -23.10 5.79
C ALA C 72 0.04 -23.35 5.10
N GLU C 73 0.22 -22.75 3.92
CA GLU C 73 1.48 -22.89 3.21
C GLU C 73 2.59 -22.17 3.96
N ALA C 74 2.35 -20.91 4.32
CA ALA C 74 3.32 -20.20 5.13
C ALA C 74 3.70 -21.01 6.37
N ALA C 75 2.70 -21.68 6.97
CA ALA C 75 2.91 -22.46 8.19
C ALA C 75 3.85 -23.65 7.94
N GLU C 76 3.64 -24.40 6.86
CA GLU C 76 4.42 -25.60 6.65
C GLU C 76 5.86 -25.26 6.34
N ALA C 77 6.11 -24.02 5.94
CA ALA C 77 7.43 -23.55 5.59
C ALA C 77 8.14 -22.88 6.75
N GLY C 78 7.48 -22.76 7.89
CA GLY C 78 8.09 -22.16 9.05
C GLY C 78 8.15 -20.66 9.04
N ASN C 79 7.51 -20.01 8.06
CA ASN C 79 7.56 -18.55 7.97
C ASN C 79 6.61 -17.94 9.00
N LYS C 80 7.09 -17.85 10.24
CA LYS C 80 6.24 -17.38 11.33
C LYS C 80 5.72 -15.99 11.09
N GLU C 81 6.45 -15.19 10.31
CA GLU C 81 6.08 -13.79 10.13
C GLU C 81 4.92 -13.68 9.15
N ALA C 82 5.04 -14.35 8.00
CA ALA C 82 3.96 -14.49 7.04
C ALA C 82 2.67 -15.06 7.65
N VAL C 83 2.81 -16.07 8.52
CA VAL C 83 1.67 -16.64 9.25
C VAL C 83 0.95 -15.56 10.05
N ALA C 84 1.71 -14.82 10.86
CA ALA C 84 1.11 -13.75 11.66
C ALA C 84 0.35 -12.74 10.76
N LEU C 85 0.96 -12.30 9.67
CA LEU C 85 0.28 -11.41 8.72
C LEU C 85 -0.95 -12.05 8.09
N LEU C 86 -0.81 -13.26 7.54
CA LEU C 86 -1.94 -13.95 6.92
C LEU C 86 -3.08 -14.16 7.91
N ALA C 87 -2.75 -14.50 9.17
CA ALA C 87 -3.79 -14.73 10.18
C ALA C 87 -4.53 -13.46 10.58
N GLU C 88 -3.88 -12.31 10.48
CA GLU C 88 -4.59 -11.05 10.70
C GLU C 88 -5.49 -10.75 9.50
N GLN C 89 -5.05 -11.10 8.29
CA GLN C 89 -5.95 -10.98 7.15
C GLN C 89 -7.18 -11.87 7.31
N LEU C 90 -7.00 -13.16 7.65
CA LEU C 90 -8.19 -14.01 7.73
C LEU C 90 -9.17 -13.46 8.73
N GLU C 91 -8.65 -12.83 9.78
CA GLU C 91 -9.47 -12.14 10.77
C GLU C 91 -10.32 -11.04 10.14
N ARG C 92 -9.70 -10.13 9.35
CA ARG C 92 -10.44 -9.10 8.63
C ARG C 92 -11.48 -9.69 7.68
N LEU C 93 -11.08 -10.69 6.90
CA LEU C 93 -12.02 -11.31 5.96
C LEU C 93 -13.23 -11.90 6.69
N LYS C 94 -13.02 -12.41 7.89
CA LYS C 94 -14.15 -12.97 8.61
C LYS C 94 -15.04 -11.90 9.21
N LYS C 95 -14.50 -10.73 9.55
CA LYS C 95 -15.36 -9.56 9.81
C LYS C 95 -16.10 -9.13 8.55
N ILE C 96 -15.39 -9.04 7.44
CA ILE C 96 -16.06 -8.66 6.20
C ILE C 96 -17.15 -9.66 5.87
N GLN C 97 -16.87 -10.96 6.03
CA GLN C 97 -17.84 -12.00 5.68
C GLN C 97 -19.13 -11.80 6.46
N ALA C 98 -19.00 -11.54 7.76
CA ALA C 98 -20.21 -11.31 8.56
C ALA C 98 -20.92 -10.03 8.15
N MET C 99 -20.16 -8.97 7.90
CA MET C 99 -20.73 -7.73 7.34
C MET C 99 -21.42 -7.97 6.01
N PHE C 100 -20.75 -8.68 5.11
CA PHE C 100 -21.33 -9.12 3.83
C PHE C 100 -22.69 -9.79 4.05
N ALA C 101 -22.77 -10.72 5.01
CA ALA C 101 -24.03 -11.44 5.23
C ALA C 101 -25.08 -10.47 5.71
N ALA C 102 -24.70 -9.56 6.58
CA ALA C 102 -25.67 -8.59 7.09
C ALA C 102 -26.14 -7.66 5.97
N ALA C 103 -25.24 -7.26 5.07
CA ALA C 103 -25.62 -6.36 4.00
C ALA C 103 -26.63 -7.01 3.03
N VAL C 104 -26.33 -8.24 2.61
CA VAL C 104 -27.26 -9.04 1.78
C VAL C 104 -28.66 -9.12 2.40
N ASN C 105 -28.74 -9.44 3.71
CA ASN C 105 -30.03 -9.48 4.38
C ASN C 105 -30.70 -8.12 4.42
N ALA C 106 -29.94 -7.04 4.61
CA ALA C 106 -30.54 -5.72 4.64
C ALA C 106 -31.10 -5.34 3.26
N PHE C 107 -30.29 -5.55 2.22
CA PHE C 107 -30.71 -5.25 0.84
C PHE C 107 -31.99 -6.01 0.47
N ARG C 108 -32.00 -7.31 0.73
CA ARG C 108 -33.17 -8.14 0.46
C ARG C 108 -34.40 -7.67 1.24
N ALA C 109 -34.23 -7.21 2.51
CA ALA C 109 -35.38 -6.80 3.33
C ALA C 109 -35.88 -5.39 3.01
N GLY C 110 -35.21 -4.65 2.14
CA GLY C 110 -35.51 -3.26 1.97
C GLY C 110 -34.92 -2.35 3.00
N ASP C 111 -33.97 -2.81 3.82
CA ASP C 111 -33.43 -1.95 4.90
C ASP C 111 -32.35 -1.02 4.31
N ARG C 112 -32.84 0.08 3.71
CA ARG C 112 -31.98 1.00 2.97
C ARG C 112 -30.85 1.56 3.83
N GLU C 113 -31.16 2.00 5.06
CA GLU C 113 -30.14 2.66 5.87
C GLU C 113 -29.10 1.65 6.37
N ALA C 114 -29.52 0.44 6.76
CA ALA C 114 -28.54 -0.57 7.14
C ALA C 114 -27.66 -1.01 5.96
N PHE C 115 -28.25 -1.14 4.76
CA PHE C 115 -27.48 -1.53 3.60
C PHE C 115 -26.47 -0.46 3.26
N GLY C 116 -26.90 0.79 3.28
CA GLY C 116 -25.97 1.87 3.02
C GLY C 116 -24.87 1.91 4.05
N ALA C 117 -25.21 1.71 5.33
CA ALA C 117 -24.16 1.80 6.34
C ALA C 117 -23.18 0.63 6.23
N LEU C 118 -23.68 -0.57 5.91
CA LEU C 118 -22.78 -1.71 5.81
C LEU C 118 -21.93 -1.63 4.55
N LEU C 119 -22.50 -1.16 3.43
CA LEU C 119 -21.68 -0.93 2.24
C LEU C 119 -20.47 -0.04 2.54
N GLU C 120 -20.69 1.09 3.24
CA GLU C 120 -19.56 1.97 3.59
C GLU C 120 -18.59 1.24 4.51
N ALA C 121 -19.10 0.60 5.56
CA ALA C 121 -18.20 -0.12 6.46
C ALA C 121 -17.42 -1.23 5.73
N ILE C 122 -18.04 -1.91 4.76
CA ILE C 122 -17.32 -2.98 4.05
C ILE C 122 -16.25 -2.39 3.13
N ILE C 123 -16.60 -1.33 2.41
CA ILE C 123 -15.62 -0.68 1.56
C ILE C 123 -14.45 -0.16 2.39
N ASN C 124 -14.72 0.36 3.59
CA ASN C 124 -13.60 0.88 4.38
C ASN C 124 -12.73 -0.26 4.87
N GLU C 125 -13.34 -1.37 5.29
CA GLU C 125 -12.58 -2.57 5.68
C GLU C 125 -11.75 -3.10 4.51
N GLY C 126 -12.32 -3.06 3.31
CA GLY C 126 -11.57 -3.47 2.12
C GLY C 126 -10.42 -2.54 1.79
N LYS C 127 -10.56 -1.25 2.07
CA LYS C 127 -9.45 -0.32 1.89
C LYS C 127 -8.36 -0.56 2.94
N ALA C 128 -8.76 -0.82 4.18
CA ALA C 128 -7.78 -1.11 5.21
C ALA C 128 -6.95 -2.34 4.88
N LEU C 129 -7.48 -3.22 4.01
CA LEU C 129 -6.88 -4.53 3.75
C LEU C 129 -5.77 -4.44 2.73
N LEU C 130 -5.99 -3.65 1.66
CA LEU C 130 -5.04 -3.60 0.55
C LEU C 130 -3.61 -3.21 0.96
N PRO C 131 -3.38 -2.34 1.96
CA PRO C 131 -2.03 -2.21 2.52
C PRO C 131 -1.42 -3.53 2.95
N LEU C 132 -2.07 -4.21 3.90
CA LEU C 132 -1.47 -5.35 4.55
C LEU C 132 -1.13 -6.43 3.55
N VAL C 133 -1.84 -6.47 2.44
CA VAL C 133 -1.54 -7.45 1.42
C VAL C 133 -0.12 -7.27 0.92
N GLU C 134 0.43 -6.06 1.03
CA GLU C 134 1.77 -5.81 0.53
C GLU C 134 2.84 -6.20 1.55
N ALA C 135 2.60 -5.87 2.83
CA ALA C 135 3.47 -6.36 3.88
C ALA C 135 3.65 -7.87 3.78
N ILE C 136 2.59 -8.58 3.41
CA ILE C 136 2.68 -10.01 3.16
C ILE C 136 3.55 -10.28 1.95
N LYS C 137 3.42 -9.48 0.89
CA LYS C 137 4.21 -9.72 -0.32
C LYS C 137 5.69 -9.79 0.02
N GLU C 138 6.11 -8.97 0.99
CA GLU C 138 7.49 -8.93 1.47
C GLU C 138 7.82 -10.24 2.16
N ALA C 139 7.19 -10.44 3.32
CA ALA C 139 7.58 -11.48 4.26
C ALA C 139 7.50 -12.88 3.68
N ILE C 140 6.85 -13.07 2.53
CA ILE C 140 6.79 -14.38 1.90
C ILE C 140 8.05 -14.54 1.08
N SER D 15 -3.01 23.76 3.86
CA SER D 15 -4.15 22.77 3.98
C SER D 15 -3.70 21.31 4.10
N LEU D 16 -4.47 20.52 4.85
CA LEU D 16 -4.02 19.17 5.19
C LEU D 16 -3.89 18.29 3.94
N LYS D 17 -5.01 18.03 3.25
CA LYS D 17 -4.95 17.22 2.03
C LYS D 17 -3.94 17.76 1.01
N GLU D 18 -3.61 19.05 1.06
CA GLU D 18 -2.61 19.62 0.17
C GLU D 18 -1.17 19.40 0.66
N LYS D 19 -0.98 19.27 1.97
CA LYS D 19 0.30 18.79 2.45
C LYS D 19 0.44 17.30 2.16
N PHE D 20 -0.65 16.55 2.33
CA PHE D 20 -0.58 15.10 2.19
C PHE D 20 -0.28 14.72 0.75
N ALA D 21 -0.85 15.44 -0.21
CA ALA D 21 -0.50 15.17 -1.60
C ALA D 21 1.00 15.33 -1.82
N GLU D 22 1.59 16.42 -1.29
CA GLU D 22 3.03 16.59 -1.43
C GLU D 22 3.80 15.56 -0.60
N TYR D 23 3.28 15.19 0.60
CA TYR D 23 3.94 14.19 1.45
C TYR D 23 3.91 12.81 0.77
N GLU D 24 2.76 12.45 0.22
CA GLU D 24 2.61 11.16 -0.44
C GLU D 24 3.57 11.03 -1.62
N ALA D 25 3.77 12.12 -2.37
CA ALA D 25 4.65 12.12 -3.54
C ALA D 25 6.13 11.94 -3.17
N ILE D 26 6.54 12.44 -2.00
CA ILE D 26 7.95 12.38 -1.62
C ILE D 26 8.41 10.95 -1.31
N GLY D 27 7.55 10.12 -0.72
CA GLY D 27 8.00 8.82 -0.23
C GLY D 27 8.65 7.92 -1.30
N PRO D 28 7.99 7.76 -2.44
CA PRO D 28 8.58 6.91 -3.50
C PRO D 28 9.89 7.42 -4.02
N ARG D 29 10.07 8.73 -4.02
CA ARG D 29 11.29 9.31 -4.54
C ARG D 29 12.46 9.12 -3.57
N ILE D 30 12.19 9.17 -2.27
CA ILE D 30 13.21 8.84 -1.28
C ILE D 30 13.62 7.38 -1.46
N LEU D 31 12.63 6.50 -1.62
CA LEU D 31 12.92 5.10 -1.88
C LEU D 31 13.81 4.92 -3.12
N GLU D 32 13.54 5.63 -4.19
CA GLU D 32 14.40 5.53 -5.37
C GLU D 32 15.84 5.94 -5.04
N LEU D 33 16.02 7.03 -4.27
CA LEU D 33 17.36 7.49 -3.91
C LEU D 33 18.08 6.48 -3.02
N TRP D 34 17.38 5.85 -2.09
CA TRP D 34 18.02 4.80 -1.29
C TRP D 34 18.49 3.67 -2.18
N GLN D 35 17.67 3.30 -3.18
CA GLN D 35 18.06 2.21 -4.09
C GLN D 35 19.27 2.62 -4.93
N ALA D 36 19.28 3.85 -5.41
CA ALA D 36 20.44 4.34 -6.15
C ALA D 36 21.68 4.36 -5.27
N ALA D 37 21.51 4.70 -3.98
CA ALA D 37 22.65 4.72 -3.07
C ALA D 37 23.20 3.33 -2.88
N ARG D 38 22.31 2.36 -2.77
CA ARG D 38 22.75 0.99 -2.67
C ARG D 38 23.45 0.56 -3.94
N ASN D 39 22.90 0.91 -5.08
CA ASN D 39 23.52 0.51 -6.32
C ASN D 39 24.92 1.07 -6.39
N ALA D 40 25.05 2.36 -6.08
CA ALA D 40 26.31 3.06 -6.21
C ALA D 40 27.31 2.55 -5.19
N PHE D 41 26.82 2.10 -4.06
CA PHE D 41 27.69 1.52 -3.05
C PHE D 41 28.22 0.17 -3.49
N GLU D 42 27.33 -0.71 -3.97
CA GLU D 42 27.78 -2.02 -4.43
C GLU D 42 28.71 -1.88 -5.63
N ALA D 43 28.55 -0.83 -6.41
CA ALA D 43 29.50 -0.57 -7.49
C ALA D 43 30.75 0.18 -7.04
N GLY D 44 30.88 0.51 -5.75
CA GLY D 44 31.99 1.30 -5.27
C GLY D 44 32.14 2.72 -5.77
N ASP D 45 31.13 3.28 -6.43
CA ASP D 45 31.10 4.73 -6.69
C ASP D 45 30.69 5.48 -5.41
N LEU D 46 31.67 5.72 -4.52
CA LEU D 46 31.38 6.31 -3.21
C LEU D 46 31.13 7.80 -3.31
N ALA D 47 31.67 8.44 -4.35
CA ALA D 47 31.36 9.84 -4.59
C ALA D 47 29.88 10.02 -4.84
N ARG D 48 29.28 9.09 -5.54
CA ARG D 48 27.87 9.17 -5.84
C ARG D 48 27.02 8.81 -4.62
N VAL D 49 27.42 7.78 -3.88
CA VAL D 49 26.79 7.51 -2.58
C VAL D 49 26.70 8.80 -1.79
N ALA D 50 27.83 9.51 -1.64
CA ALA D 50 27.82 10.74 -0.87
C ALA D 50 26.86 11.79 -1.45
N ASN D 51 26.91 12.02 -2.77
CA ASN D 51 25.93 12.91 -3.39
C ASN D 51 24.52 12.50 -3.01
N LEU D 52 24.24 11.21 -3.09
CA LEU D 52 22.88 10.73 -2.86
C LEU D 52 22.47 10.92 -1.40
N LEU D 53 23.36 10.60 -0.46
CA LEU D 53 23.08 10.89 0.94
C LEU D 53 22.77 12.37 1.16
N ALA D 54 23.55 13.26 0.53
CA ALA D 54 23.26 14.68 0.70
C ALA D 54 21.87 15.03 0.19
N GLU D 55 21.48 14.48 -0.95
CA GLU D 55 20.14 14.77 -1.46
C GLU D 55 19.06 14.16 -0.57
N LEU D 56 19.31 12.95 -0.08
CA LEU D 56 18.38 12.30 0.84
C LEU D 56 18.23 13.09 2.12
N LYS D 57 19.31 13.67 2.63
CA LYS D 57 19.18 14.38 3.90
C LYS D 57 18.28 15.60 3.69
N GLU D 58 18.32 16.20 2.50
CA GLU D 58 17.48 17.38 2.23
C GLU D 58 16.04 16.95 1.97
N LEU D 59 15.84 15.82 1.31
CA LEU D 59 14.47 15.37 1.05
C LEU D 59 13.82 14.85 2.33
N PHE D 60 14.58 14.08 3.12
CA PHE D 60 14.05 13.54 4.37
C PHE D 60 13.68 14.67 5.33
N LYS D 61 14.33 15.82 5.21
CA LYS D 61 13.98 16.94 6.09
C LYS D 61 12.62 17.53 5.71
N LYS D 62 12.33 17.73 4.40
CA LYS D 62 11.00 18.20 4.00
C LYS D 62 9.92 17.20 4.38
N ASP D 63 10.23 15.91 4.23
CA ASP D 63 9.30 14.86 4.61
C ASP D 63 8.85 15.04 6.05
N LEU D 64 9.82 15.25 6.94
CA LEU D 64 9.54 15.37 8.36
C LEU D 64 8.78 16.64 8.67
N ASN D 65 9.06 17.72 7.94
CA ASN D 65 8.31 18.96 8.14
C ASN D 65 6.86 18.77 7.77
N LEU D 66 6.61 18.18 6.61
CA LEU D 66 5.24 17.93 6.17
C LEU D 66 4.51 17.01 7.14
N ALA D 67 5.18 15.99 7.64
CA ALA D 67 4.54 15.09 8.58
C ALA D 67 4.20 15.80 9.91
N ASN D 68 5.10 16.68 10.37
CA ASN D 68 4.84 17.43 11.62
C ASN D 68 3.74 18.46 11.42
N ALA D 69 3.78 19.17 10.29
CA ALA D 69 2.70 20.11 9.96
C ALA D 69 1.35 19.41 9.86
N MET D 70 1.31 18.20 9.28
CA MET D 70 0.05 17.51 9.13
C MET D 70 -0.47 17.05 10.46
N ALA D 71 0.41 16.55 11.32
CA ALA D 71 -0.03 16.11 12.62
C ALA D 71 -0.67 17.28 13.39
N ALA D 72 -0.02 18.44 13.37
CA ALA D 72 -0.55 19.62 14.05
C ALA D 72 -1.87 20.07 13.44
N GLU D 73 -1.90 20.23 12.11
CA GLU D 73 -3.15 20.60 11.46
C GLU D 73 -4.25 19.60 11.77
N ALA D 74 -3.95 18.30 11.69
CA ALA D 74 -4.96 17.31 12.03
C ALA D 74 -5.45 17.52 13.46
N ALA D 75 -4.53 17.89 14.37
CA ALA D 75 -4.92 18.07 15.77
C ALA D 75 -5.82 19.30 15.96
N GLU D 76 -5.46 20.39 15.29
CA GLU D 76 -6.26 21.58 15.46
C GLU D 76 -7.67 21.38 14.89
N ALA D 77 -7.87 20.42 13.98
CA ALA D 77 -9.20 20.15 13.45
C ALA D 77 -9.92 19.07 14.22
N GLY D 78 -9.34 18.62 15.34
CA GLY D 78 -10.04 17.68 16.18
C GLY D 78 -10.14 16.30 15.60
N ASN D 79 -9.37 16.04 14.53
CA ASN D 79 -9.34 14.72 13.90
C ASN D 79 -8.43 13.78 14.69
N LYS D 80 -8.96 13.26 15.80
CA LYS D 80 -8.22 12.30 16.61
C LYS D 80 -7.66 11.15 15.77
N GLU D 81 -8.45 10.67 14.79
CA GLU D 81 -8.05 9.47 14.06
C GLU D 81 -6.79 9.75 13.25
N ALA D 82 -6.84 10.83 12.46
CA ALA D 82 -5.68 11.29 11.72
C ALA D 82 -4.50 11.50 12.64
N VAL D 83 -4.75 12.02 13.85
CA VAL D 83 -3.67 12.38 14.74
C VAL D 83 -2.91 11.14 15.17
N ALA D 84 -3.63 10.10 15.57
CA ALA D 84 -2.93 8.93 16.08
C ALA D 84 -2.16 8.22 14.96
N LEU D 85 -2.59 8.37 13.72
CA LEU D 85 -1.88 7.74 12.61
C LEU D 85 -0.66 8.54 12.19
N LEU D 86 -0.78 9.86 12.22
CA LEU D 86 0.35 10.72 11.92
C LEU D 86 1.38 10.65 13.04
N ALA D 87 0.90 10.48 14.27
CA ALA D 87 1.77 10.32 15.42
C ALA D 87 2.60 9.08 15.32
N GLU D 88 2.06 8.03 14.69
CA GLU D 88 2.78 6.78 14.54
C GLU D 88 3.73 6.87 13.37
N GLN D 89 3.33 7.57 12.33
CA GLN D 89 4.23 7.81 11.24
C GLN D 89 5.44 8.61 11.71
N LEU D 90 5.23 9.56 12.63
CA LEU D 90 6.35 10.35 13.15
C LEU D 90 7.31 9.47 13.92
N GLU D 91 6.81 8.51 14.69
CA GLU D 91 7.71 7.59 15.38
C GLU D 91 8.51 6.74 14.39
N ARG D 92 7.90 6.31 13.29
CA ARG D 92 8.68 5.58 12.30
C ARG D 92 9.70 6.49 11.63
N LEU D 93 9.32 7.72 11.30
CA LEU D 93 10.28 8.64 10.73
C LEU D 93 11.41 8.92 11.70
N LYS D 94 11.13 8.94 13.01
CA LYS D 94 12.20 9.22 13.95
C LYS D 94 13.19 8.06 13.99
N LYS D 95 12.68 6.83 13.91
CA LYS D 95 13.56 5.68 13.86
C LYS D 95 14.33 5.63 12.55
N ILE D 96 13.71 6.01 11.43
CA ILE D 96 14.45 6.06 10.18
C ILE D 96 15.55 7.12 10.26
N GLN D 97 15.26 8.26 10.89
CA GLN D 97 16.26 9.31 10.98
C GLN D 97 17.47 8.87 11.81
N ALA D 98 17.25 8.11 12.87
CA ALA D 98 18.36 7.54 13.62
C ALA D 98 19.12 6.48 12.79
N MET D 99 18.40 5.64 12.07
CA MET D 99 19.09 4.73 11.14
C MET D 99 19.94 5.51 10.14
N PHE D 100 19.39 6.59 9.60
CA PHE D 100 20.12 7.47 8.68
C PHE D 100 21.39 8.03 9.32
N ALA D 101 21.28 8.56 10.56
CA ALA D 101 22.48 9.07 11.22
C ALA D 101 23.51 7.97 11.36
N ALA D 102 23.07 6.76 11.71
CA ALA D 102 24.00 5.64 11.88
C ALA D 102 24.64 5.20 10.55
N ALA D 103 23.87 5.23 9.45
CA ALA D 103 24.40 4.98 8.12
C ALA D 103 25.43 6.02 7.70
N VAL D 104 25.16 7.31 7.91
CA VAL D 104 26.16 8.34 7.59
C VAL D 104 27.46 8.04 8.35
N ASN D 105 27.35 7.79 9.65
CA ASN D 105 28.53 7.40 10.42
C ASN D 105 29.22 6.15 9.82
N ALA D 106 28.46 5.13 9.41
CA ALA D 106 29.08 3.94 8.86
C ALA D 106 29.77 4.25 7.55
N PHE D 107 29.18 5.13 6.75
CA PHE D 107 29.81 5.50 5.49
C PHE D 107 31.16 6.17 5.73
N ARG D 108 31.21 7.11 6.66
CA ARG D 108 32.42 7.91 6.87
C ARG D 108 33.52 7.06 7.46
N ALA D 109 33.14 6.02 8.21
CA ALA D 109 34.07 5.13 8.85
C ALA D 109 34.53 3.99 7.94
N GLY D 110 33.92 3.85 6.77
CA GLY D 110 34.30 2.72 5.93
C GLY D 110 33.77 1.43 6.45
N ASP D 111 32.74 1.46 7.29
CA ASP D 111 32.20 0.20 7.81
C ASP D 111 31.16 -0.31 6.83
N ARG D 112 31.62 -1.13 5.88
CA ARG D 112 30.81 -1.53 4.75
C ARG D 112 29.67 -2.44 5.19
N GLU D 113 29.92 -3.36 6.12
CA GLU D 113 28.85 -4.27 6.51
C GLU D 113 27.78 -3.53 7.31
N ALA D 114 28.18 -2.58 8.16
CA ALA D 114 27.16 -1.79 8.84
C ALA D 114 26.42 -0.93 7.84
N PHE D 115 27.14 -0.40 6.85
CA PHE D 115 26.47 0.47 5.89
C PHE D 115 25.45 -0.32 5.09
N GLY D 116 25.86 -1.48 4.56
CA GLY D 116 24.92 -2.30 3.81
C GLY D 116 23.71 -2.71 4.62
N ALA D 117 23.92 -3.10 5.86
CA ALA D 117 22.79 -3.57 6.66
C ALA D 117 21.86 -2.40 7.03
N LEU D 118 22.41 -1.22 7.34
CA LEU D 118 21.56 -0.05 7.59
C LEU D 118 20.75 0.34 6.35
N LEU D 119 21.35 0.32 5.15
CA LEU D 119 20.58 0.66 3.97
C LEU D 119 19.44 -0.32 3.78
N GLU D 120 19.71 -1.63 3.96
CA GLU D 120 18.62 -2.60 3.86
C GLU D 120 17.52 -2.25 4.84
N ALA D 121 17.90 -1.99 6.09
CA ALA D 121 16.94 -1.78 7.13
C ALA D 121 16.13 -0.49 6.88
N ILE D 122 16.77 0.53 6.31
CA ILE D 122 16.08 1.77 6.00
C ILE D 122 15.11 1.56 4.86
N ILE D 123 15.54 0.85 3.82
CA ILE D 123 14.62 0.55 2.70
C ILE D 123 13.41 -0.19 3.21
N ASN D 124 13.61 -1.18 4.09
CA ASN D 124 12.45 -1.93 4.57
C ASN D 124 11.55 -1.03 5.40
N GLU D 125 12.14 -0.17 6.27
CA GLU D 125 11.28 0.68 7.09
C GLU D 125 10.46 1.60 6.21
N GLY D 126 11.04 2.10 5.12
CA GLY D 126 10.37 3.00 4.21
C GLY D 126 9.51 2.33 3.17
N LYS D 127 9.73 1.04 2.89
CA LYS D 127 8.71 0.27 2.18
C LYS D 127 7.48 0.11 3.08
N ALA D 128 7.68 -0.17 4.37
CA ALA D 128 6.56 -0.30 5.27
C ALA D 128 5.90 1.04 5.63
N LEU D 129 6.46 2.19 5.22
CA LEU D 129 5.77 3.45 5.40
C LEU D 129 4.63 3.63 4.38
N LEU D 130 4.89 3.26 3.12
CA LEU D 130 3.91 3.50 2.06
C LEU D 130 2.53 2.88 2.30
N PRO D 131 2.36 1.76 3.06
CA PRO D 131 1.02 1.38 3.52
C PRO D 131 0.40 2.39 4.48
N LEU D 132 0.99 2.52 5.69
CA LEU D 132 0.39 3.33 6.74
C LEU D 132 0.14 4.77 6.31
N VAL D 133 0.85 5.26 5.29
CA VAL D 133 0.46 6.48 4.58
C VAL D 133 -0.97 6.36 4.04
N GLU D 134 -1.33 5.17 3.57
CA GLU D 134 -2.63 5.00 2.94
C GLU D 134 -3.75 5.02 3.97
N ALA D 135 -3.51 4.46 5.16
CA ALA D 135 -4.45 4.62 6.28
C ALA D 135 -4.67 6.10 6.62
N ILE D 136 -3.60 6.89 6.59
CA ILE D 136 -3.73 8.33 6.82
C ILE D 136 -4.58 8.97 5.73
N LYS D 137 -4.36 8.56 4.49
CA LYS D 137 -5.11 9.12 3.37
C LYS D 137 -6.62 9.04 3.58
N GLU D 138 -7.08 8.01 4.31
CA GLU D 138 -8.49 7.75 4.52
C GLU D 138 -9.04 8.56 5.69
N ALA D 139 -8.21 8.75 6.71
CA ALA D 139 -8.61 9.46 7.92
C ALA D 139 -8.63 10.96 7.73
N ILE D 140 -8.01 11.50 6.69
CA ILE D 140 -8.08 12.94 6.50
C ILE D 140 -9.19 13.34 5.53
N GLU E 8 37.81 -54.13 3.74
CA GLU E 8 37.22 -53.57 5.01
C GLU E 8 38.33 -53.18 6.02
N ASN E 9 38.28 -51.92 6.45
CA ASN E 9 39.24 -51.39 7.39
C ASN E 9 38.96 -51.90 8.81
N LEU E 10 40.04 -52.04 9.59
CA LEU E 10 39.86 -52.37 11.00
C LEU E 10 39.19 -51.23 11.77
N TYR E 11 39.67 -49.98 11.55
CA TYR E 11 39.29 -48.80 12.32
C TYR E 11 38.84 -47.62 11.47
N PHE E 12 39.54 -47.33 10.37
CA PHE E 12 39.28 -46.06 9.70
C PHE E 12 37.90 -46.03 9.05
N GLN E 13 37.17 -44.93 9.26
CA GLN E 13 35.95 -44.60 8.53
C GLN E 13 36.01 -43.13 8.14
N SER E 14 35.57 -42.82 6.92
CA SER E 14 35.48 -41.43 6.48
C SER E 14 34.56 -40.65 7.39
N SER E 15 35.09 -39.70 8.15
CA SER E 15 34.27 -38.99 9.11
C SER E 15 33.38 -37.94 8.45
N LEU E 16 33.30 -37.89 7.11
CA LEU E 16 32.62 -36.78 6.44
C LEU E 16 31.13 -36.77 6.77
N LYS E 17 30.47 -37.93 6.71
CA LYS E 17 29.06 -37.99 7.08
C LYS E 17 28.85 -37.62 8.53
N GLU E 18 29.83 -37.92 9.38
CA GLU E 18 29.73 -37.55 10.80
C GLU E 18 29.84 -36.04 10.99
N LYS E 19 30.75 -35.39 10.24
CA LYS E 19 30.98 -33.95 10.37
C LYS E 19 29.76 -33.16 9.90
N PHE E 20 29.23 -33.53 8.74
CA PHE E 20 28.02 -32.88 8.25
C PHE E 20 26.90 -32.96 9.28
N ALA E 21 26.78 -34.09 9.95
CA ALA E 21 25.77 -34.23 11.00
C ALA E 21 25.97 -33.19 12.11
N GLU E 22 27.21 -33.01 12.57
CA GLU E 22 27.49 -31.96 13.56
C GLU E 22 27.24 -30.59 12.96
N TYR E 23 27.80 -30.35 11.77
CA TYR E 23 27.61 -29.08 11.06
C TYR E 23 26.14 -28.73 10.95
N GLU E 24 25.33 -29.69 10.50
CA GLU E 24 23.91 -29.46 10.33
C GLU E 24 23.22 -29.09 11.63
N ALA E 25 23.64 -29.69 12.73
CA ALA E 25 23.01 -29.33 13.99
C ALA E 25 23.41 -27.93 14.42
N ILE E 26 24.62 -27.48 14.06
CA ILE E 26 25.14 -26.23 14.58
C ILE E 26 24.34 -25.04 14.07
N GLY E 27 23.99 -25.03 12.77
CA GLY E 27 23.35 -23.88 12.18
C GLY E 27 22.19 -23.35 13.01
N PRO E 28 21.24 -24.24 13.29
CA PRO E 28 20.06 -23.85 14.09
C PRO E 28 20.36 -23.38 15.49
N ARG E 29 21.28 -24.05 16.16
CA ARG E 29 21.71 -23.56 17.47
C ARG E 29 22.18 -22.09 17.35
N ILE E 30 22.91 -21.77 16.28
CA ILE E 30 23.39 -20.40 16.10
C ILE E 30 22.24 -19.44 15.87
N LEU E 31 21.36 -19.77 14.90
CA LEU E 31 20.24 -18.90 14.60
C LEU E 31 19.42 -18.63 15.86
N GLU E 32 19.43 -19.57 16.81
CA GLU E 32 18.67 -19.40 18.03
C GLU E 32 19.39 -18.51 19.03
N LEU E 33 20.70 -18.53 19.00
CA LEU E 33 21.45 -17.58 19.82
C LEU E 33 21.26 -16.15 19.31
N TRP E 34 21.27 -15.94 17.99
CA TRP E 34 20.99 -14.61 17.45
C TRP E 34 19.62 -14.13 17.88
N GLN E 35 18.60 -14.96 17.71
CA GLN E 35 17.27 -14.54 18.13
C GLN E 35 17.26 -14.18 19.61
N ALA E 36 18.00 -14.93 20.42
CA ALA E 36 18.04 -14.60 21.85
C ALA E 36 18.81 -13.31 22.08
N ALA E 37 19.89 -13.09 21.32
CA ALA E 37 20.65 -11.84 21.41
C ALA E 37 19.77 -10.66 21.03
N ARG E 38 19.00 -10.79 19.96
CA ARG E 38 18.06 -9.72 19.61
C ARG E 38 17.20 -9.39 20.81
N ASN E 39 16.63 -10.41 21.43
CA ASN E 39 15.69 -10.18 22.52
C ASN E 39 16.39 -9.63 23.75
N ALA E 40 17.59 -10.13 24.08
CA ALA E 40 18.33 -9.50 25.17
C ALA E 40 18.61 -8.04 24.85
N PHE E 41 18.89 -7.73 23.58
CA PHE E 41 19.20 -6.36 23.20
C PHE E 41 17.98 -5.46 23.35
N GLU E 42 16.86 -5.88 22.76
CA GLU E 42 15.62 -5.12 22.85
C GLU E 42 15.16 -4.93 24.30
N ALA E 43 15.53 -5.84 25.20
CA ALA E 43 15.20 -5.68 26.61
C ALA E 43 16.23 -4.89 27.39
N GLY E 44 17.33 -4.50 26.79
CA GLY E 44 18.34 -3.78 27.50
C GLY E 44 19.29 -4.62 28.33
N ASP E 45 19.16 -5.96 28.34
CA ASP E 45 20.10 -6.77 29.13
C ASP E 45 21.40 -6.89 28.32
N LEU E 46 22.22 -5.83 28.40
CA LEU E 46 23.43 -5.79 27.60
C LEU E 46 24.43 -6.82 28.08
N ALA E 47 24.45 -7.11 29.38
CA ALA E 47 25.36 -8.12 29.89
C ALA E 47 25.08 -9.45 29.24
N ARG E 48 23.80 -9.78 29.06
CA ARG E 48 23.43 -11.04 28.41
C ARG E 48 23.81 -11.03 26.92
N VAL E 49 23.62 -9.90 26.22
CA VAL E 49 24.08 -9.80 24.85
C VAL E 49 25.57 -10.14 24.77
N ALA E 50 26.38 -9.61 25.69
CA ALA E 50 27.80 -9.91 25.63
C ALA E 50 28.04 -11.41 25.78
N ASN E 51 27.30 -12.06 26.69
CA ASN E 51 27.49 -13.50 26.89
C ASN E 51 27.10 -14.26 25.66
N LEU E 52 25.97 -13.90 25.06
CA LEU E 52 25.51 -14.60 23.87
C LEU E 52 26.44 -14.38 22.69
N LEU E 53 26.97 -13.17 22.55
CA LEU E 53 27.93 -12.94 21.48
C LEU E 53 29.15 -13.79 21.71
N ALA E 54 29.63 -13.84 22.95
CA ALA E 54 30.78 -14.70 23.27
C ALA E 54 30.48 -16.14 22.90
N GLU E 55 29.26 -16.58 23.16
CA GLU E 55 28.87 -17.95 22.84
C GLU E 55 28.73 -18.15 21.33
N LEU E 56 28.23 -17.15 20.61
CA LEU E 56 28.15 -17.23 19.15
C LEU E 56 29.55 -17.26 18.53
N LYS E 57 30.51 -16.54 19.11
CA LYS E 57 31.84 -16.49 18.54
C LYS E 57 32.49 -17.87 18.53
N GLU E 58 32.31 -18.63 19.62
CA GLU E 58 32.91 -19.95 19.73
C GLU E 58 32.22 -20.96 18.80
N LEU E 59 30.89 -20.97 18.82
CA LEU E 59 30.13 -21.81 17.90
C LEU E 59 30.48 -21.51 16.45
N PHE E 60 30.70 -20.25 16.13
CA PHE E 60 30.96 -19.88 14.76
C PHE E 60 32.35 -20.36 14.32
N LYS E 61 33.31 -20.30 15.23
CA LYS E 61 34.61 -20.95 15.02
C LYS E 61 34.47 -22.45 14.66
N LYS E 62 33.67 -23.20 15.45
CA LYS E 62 33.48 -24.62 15.17
C LYS E 62 32.81 -24.83 13.81
N ASP E 63 31.86 -23.96 13.48
CA ASP E 63 31.14 -24.05 12.21
C ASP E 63 32.10 -23.88 11.05
N LEU E 64 33.01 -22.89 11.15
CA LEU E 64 34.01 -22.67 10.12
C LEU E 64 35.00 -23.86 10.01
N ASN E 65 35.42 -24.40 11.16
CA ASN E 65 36.35 -25.54 11.15
C ASN E 65 35.73 -26.76 10.47
N LEU E 66 34.44 -27.00 10.73
CA LEU E 66 33.75 -28.11 10.10
C LEU E 66 33.55 -27.86 8.60
N ALA E 67 33.14 -26.65 8.22
CA ALA E 67 33.02 -26.36 6.81
C ALA E 67 34.35 -26.55 6.08
N ASN E 68 35.47 -26.05 6.65
CA ASN E 68 36.76 -26.26 6.00
C ASN E 68 37.22 -27.72 6.00
N ALA E 69 36.88 -28.49 7.05
CA ALA E 69 37.25 -29.91 7.04
C ALA E 69 36.41 -30.70 6.04
N MET E 70 35.10 -30.46 6.01
CA MET E 70 34.30 -31.10 4.97
C MET E 70 34.85 -30.75 3.58
N ALA E 71 35.32 -29.51 3.38
CA ALA E 71 35.74 -29.11 2.04
C ALA E 71 37.00 -29.83 1.61
N ALA E 72 37.96 -30.00 2.52
CA ALA E 72 39.19 -30.71 2.18
C ALA E 72 38.91 -32.20 1.91
N GLU E 73 38.13 -32.83 2.77
CA GLU E 73 37.77 -34.23 2.56
C GLU E 73 37.08 -34.41 1.20
N ALA E 74 36.15 -33.51 0.85
CA ALA E 74 35.45 -33.64 -0.42
C ALA E 74 36.40 -33.49 -1.59
N ALA E 75 37.35 -32.57 -1.50
CA ALA E 75 38.30 -32.37 -2.59
C ALA E 75 39.20 -33.59 -2.74
N GLU E 76 39.59 -34.21 -1.63
CA GLU E 76 40.49 -35.36 -1.69
C GLU E 76 39.76 -36.60 -2.20
N ALA E 77 38.46 -36.68 -1.96
CA ALA E 77 37.63 -37.74 -2.53
C ALA E 77 37.26 -37.44 -3.98
N GLY E 78 37.67 -36.30 -4.53
CA GLY E 78 37.27 -35.92 -5.88
C GLY E 78 35.80 -35.59 -6.07
N ASN E 79 35.07 -35.23 -5.02
CA ASN E 79 33.65 -34.90 -5.15
C ASN E 79 33.48 -33.43 -5.52
N LYS E 80 33.56 -33.13 -6.83
CA LYS E 80 33.68 -31.74 -7.26
C LYS E 80 32.41 -30.94 -7.03
N GLU E 81 31.27 -31.62 -6.95
CA GLU E 81 30.02 -30.96 -6.65
C GLU E 81 29.96 -30.55 -5.18
N ALA E 82 30.38 -31.44 -4.29
CA ALA E 82 30.41 -31.09 -2.88
C ALA E 82 31.41 -29.96 -2.61
N VAL E 83 32.57 -30.03 -3.27
CA VAL E 83 33.54 -28.94 -3.22
C VAL E 83 32.87 -27.63 -3.56
N ALA E 84 32.13 -27.61 -4.68
CA ALA E 84 31.51 -26.37 -5.15
C ALA E 84 30.47 -25.88 -4.17
N LEU E 85 29.71 -26.80 -3.57
CA LEU E 85 28.71 -26.35 -2.59
C LEU E 85 29.38 -25.91 -1.31
N LEU E 86 30.47 -26.58 -0.91
CA LEU E 86 31.10 -26.23 0.35
C LEU E 86 31.82 -24.90 0.22
N ALA E 87 32.50 -24.70 -0.92
CA ALA E 87 33.14 -23.44 -1.22
C ALA E 87 32.17 -22.26 -1.13
N GLU E 88 30.95 -22.42 -1.64
CA GLU E 88 29.96 -21.37 -1.50
C GLU E 88 29.51 -21.20 -0.06
N GLN E 89 29.36 -22.29 0.68
CA GLN E 89 29.09 -22.13 2.09
C GLN E 89 30.19 -21.32 2.78
N LEU E 90 31.45 -21.56 2.41
CA LEU E 90 32.55 -20.85 3.07
C LEU E 90 32.48 -19.38 2.73
N GLU E 91 32.12 -19.07 1.48
CA GLU E 91 31.86 -17.70 1.07
C GLU E 91 30.83 -17.02 1.99
N ARG E 92 29.72 -17.68 2.29
CA ARG E 92 28.69 -17.04 3.10
C ARG E 92 29.15 -16.87 4.54
N LEU E 93 29.87 -17.87 5.08
CA LEU E 93 30.34 -17.80 6.46
C LEU E 93 31.39 -16.71 6.60
N LYS E 94 32.23 -16.50 5.59
CA LYS E 94 33.15 -15.36 5.58
C LYS E 94 32.41 -14.02 5.64
N LYS E 95 31.37 -13.86 4.81
CA LYS E 95 30.53 -12.67 4.90
C LYS E 95 29.90 -12.53 6.29
N ILE E 96 29.35 -13.63 6.82
CA ILE E 96 28.74 -13.59 8.14
C ILE E 96 29.77 -13.17 9.20
N GLN E 97 31.01 -13.63 9.05
CA GLN E 97 32.07 -13.28 10.00
C GLN E 97 32.38 -11.80 9.94
N ALA E 98 32.29 -11.21 8.74
CA ALA E 98 32.50 -9.78 8.59
C ALA E 98 31.35 -9.00 9.23
N MET E 99 30.13 -9.50 9.04
CA MET E 99 28.96 -8.90 9.68
C MET E 99 29.05 -9.02 11.20
N PHE E 100 29.44 -10.19 11.69
CA PHE E 100 29.62 -10.43 13.11
C PHE E 100 30.62 -9.45 13.72
N ALA E 101 31.79 -9.29 13.07
CA ALA E 101 32.78 -8.35 13.59
C ALA E 101 32.22 -6.92 13.68
N ALA E 102 31.50 -6.48 12.65
CA ALA E 102 30.90 -5.15 12.72
C ALA E 102 29.83 -5.06 13.80
N ALA E 103 29.09 -6.14 14.02
CA ALA E 103 28.08 -6.11 15.07
C ALA E 103 28.75 -5.96 16.42
N VAL E 104 29.86 -6.67 16.60
CA VAL E 104 30.61 -6.58 17.83
C VAL E 104 31.03 -5.15 18.07
N ASN E 105 31.58 -4.52 17.04
CA ASN E 105 31.97 -3.12 17.17
C ASN E 105 30.77 -2.20 17.41
N ALA E 106 29.64 -2.45 16.73
CA ALA E 106 28.46 -1.63 17.01
C ALA E 106 28.07 -1.74 18.47
N PHE E 107 28.11 -2.97 19.01
CA PHE E 107 27.67 -3.22 20.37
C PHE E 107 28.52 -2.41 21.35
N ARG E 108 29.84 -2.46 21.18
CA ARG E 108 30.74 -1.74 22.07
C ARG E 108 30.67 -0.23 21.94
N ALA E 109 30.36 0.29 20.74
CA ALA E 109 30.15 1.73 20.58
C ALA E 109 28.77 2.18 21.09
N GLY E 110 27.92 1.25 21.49
CA GLY E 110 26.53 1.58 21.74
C GLY E 110 25.80 2.12 20.53
N ASP E 111 26.18 1.70 19.32
CA ASP E 111 25.46 2.09 18.09
C ASP E 111 24.26 1.16 17.92
N ARG E 112 23.13 1.56 18.48
CA ARG E 112 22.02 0.63 18.61
C ARG E 112 21.39 0.34 17.27
N GLU E 113 21.30 1.35 16.40
CA GLU E 113 20.69 1.13 15.08
C GLU E 113 21.59 0.28 14.19
N ALA E 114 22.91 0.49 14.21
CA ALA E 114 23.79 -0.41 13.46
C ALA E 114 23.72 -1.83 14.01
N PHE E 115 23.77 -1.97 15.34
CA PHE E 115 23.69 -3.30 15.92
C PHE E 115 22.37 -3.99 15.56
N GLY E 116 21.26 -3.27 15.69
CA GLY E 116 19.98 -3.82 15.29
C GLY E 116 19.96 -4.23 13.82
N ALA E 117 20.48 -3.37 12.97
CA ALA E 117 20.39 -3.67 11.55
C ALA E 117 21.27 -4.87 11.20
N LEU E 118 22.45 -4.98 11.83
CA LEU E 118 23.34 -6.09 11.54
C LEU E 118 22.79 -7.40 12.05
N LEU E 119 22.18 -7.38 13.21
CA LEU E 119 21.58 -8.60 13.75
C LEU E 119 20.57 -9.17 12.79
N GLU E 120 19.74 -8.28 12.24
CA GLU E 120 18.74 -8.70 11.27
C GLU E 120 19.40 -9.28 10.02
N ALA E 121 20.39 -8.56 9.47
CA ALA E 121 21.13 -9.05 8.30
C ALA E 121 21.79 -10.41 8.57
N ILE E 122 22.36 -10.58 9.77
CA ILE E 122 23.00 -11.84 10.12
C ILE E 122 21.97 -12.95 10.18
N ILE E 123 20.83 -12.69 10.80
CA ILE E 123 19.80 -13.72 10.88
C ILE E 123 19.33 -14.13 9.48
N ASN E 124 19.18 -13.16 8.60
CA ASN E 124 18.72 -13.48 7.24
C ASN E 124 19.75 -14.32 6.49
N GLU E 125 21.02 -13.94 6.58
CA GLU E 125 22.05 -14.76 5.97
C GLU E 125 22.04 -16.16 6.56
N GLY E 126 21.81 -16.26 7.87
CA GLY E 126 21.69 -17.56 8.51
C GLY E 126 20.56 -18.38 7.93
N LYS E 127 19.38 -17.78 7.79
CA LYS E 127 18.23 -18.50 7.23
C LYS E 127 18.50 -18.97 5.81
N ALA E 128 19.09 -18.11 4.97
CA ALA E 128 19.42 -18.48 3.60
C ALA E 128 20.39 -19.68 3.50
N LEU E 129 21.17 -19.97 4.56
CA LEU E 129 22.08 -21.12 4.50
C LEU E 129 21.32 -22.43 4.65
N LEU E 130 20.29 -22.47 5.49
CA LEU E 130 19.78 -23.76 5.95
C LEU E 130 19.31 -24.63 4.80
N PRO E 131 18.72 -24.09 3.73
CA PRO E 131 18.52 -24.92 2.52
C PRO E 131 19.81 -25.36 1.87
N LEU E 132 20.77 -24.46 1.61
CA LEU E 132 21.99 -24.90 0.93
C LEU E 132 22.68 -26.01 1.73
N VAL E 133 22.47 -26.03 3.06
CA VAL E 133 23.01 -27.10 3.89
C VAL E 133 22.32 -28.43 3.57
N GLU E 134 21.02 -28.42 3.34
CA GLU E 134 20.34 -29.64 2.89
C GLU E 134 20.97 -30.19 1.64
N ALA E 135 21.16 -29.34 0.62
CA ALA E 135 21.75 -29.78 -0.65
C ALA E 135 23.08 -30.47 -0.44
N ILE E 136 23.90 -29.91 0.46
CA ILE E 136 25.21 -30.50 0.71
C ILE E 136 25.04 -31.96 1.13
N LYS E 137 23.98 -32.26 1.88
CA LYS E 137 23.77 -33.63 2.36
C LYS E 137 23.67 -34.60 1.19
N GLU E 138 22.98 -34.18 0.11
CA GLU E 138 22.78 -35.06 -1.03
C GLU E 138 24.05 -35.27 -1.83
N ALA E 139 24.83 -34.20 -2.06
CA ALA E 139 26.02 -34.31 -2.88
C ALA E 139 27.13 -35.11 -2.22
N ILE E 140 27.09 -35.30 -0.91
CA ILE E 140 28.15 -36.09 -0.29
C ILE E 140 27.78 -37.56 -0.34
N SER F 15 -38.08 33.31 19.88
CA SER F 15 -37.20 33.98 18.87
C SER F 15 -36.41 32.97 18.04
N LEU F 16 -36.00 33.38 16.82
CA LEU F 16 -35.17 32.51 15.99
C LEU F 16 -33.75 32.38 16.57
N LYS F 17 -33.18 33.49 17.05
CA LYS F 17 -31.84 33.43 17.62
C LYS F 17 -31.81 32.63 18.92
N GLU F 18 -32.94 32.55 19.62
CA GLU F 18 -32.97 31.84 20.90
C GLU F 18 -33.24 30.34 20.74
N LYS F 19 -34.02 29.95 19.74
CA LYS F 19 -34.15 28.53 19.44
C LYS F 19 -32.81 27.97 18.95
N PHE F 20 -32.07 28.74 18.16
CA PHE F 20 -30.78 28.26 17.70
C PHE F 20 -29.82 28.03 18.85
N ALA F 21 -30.00 28.74 19.97
CA ALA F 21 -29.23 28.44 21.16
C ALA F 21 -29.52 27.03 21.64
N GLU F 22 -30.79 26.76 21.97
CA GLU F 22 -31.21 25.45 22.43
C GLU F 22 -30.73 24.38 21.47
N TYR F 23 -30.93 24.62 20.16
CA TYR F 23 -30.57 23.67 19.13
C TYR F 23 -29.07 23.42 19.12
N GLU F 24 -28.28 24.51 19.01
CA GLU F 24 -26.83 24.37 18.98
C GLU F 24 -26.32 23.64 20.21
N ALA F 25 -27.05 23.69 21.33
CA ALA F 25 -26.65 22.99 22.54
C ALA F 25 -26.93 21.48 22.51
N ILE F 26 -27.81 21.00 21.61
CA ILE F 26 -28.25 19.61 21.66
C ILE F 26 -27.28 18.69 20.91
N GLY F 27 -26.82 19.14 19.75
CA GLY F 27 -25.92 18.36 18.92
C GLY F 27 -24.81 17.62 19.66
N PRO F 28 -24.07 18.35 20.51
CA PRO F 28 -22.96 17.70 21.22
C PRO F 28 -23.42 16.76 22.30
N ARG F 29 -24.62 16.95 22.82
CA ARG F 29 -25.15 15.97 23.76
C ARG F 29 -25.61 14.72 23.01
N ILE F 30 -26.33 14.89 21.91
CA ILE F 30 -26.68 13.76 21.05
C ILE F 30 -25.42 12.94 20.75
N LEU F 31 -24.42 13.56 20.12
CA LEU F 31 -23.24 12.79 19.70
C LEU F 31 -22.51 12.20 20.90
N GLU F 32 -22.66 12.80 22.08
CA GLU F 32 -22.06 12.21 23.27
C GLU F 32 -22.76 10.92 23.65
N LEU F 33 -24.09 10.90 23.55
CA LEU F 33 -24.81 9.69 23.92
C LEU F 33 -24.51 8.57 22.93
N TRP F 34 -24.40 8.89 21.61
CA TRP F 34 -24.04 7.90 20.61
C TRP F 34 -22.73 7.24 20.97
N GLN F 35 -21.73 8.06 21.31
CA GLN F 35 -20.40 7.55 21.63
C GLN F 35 -20.46 6.63 22.84
N ALA F 36 -21.23 6.99 23.88
CA ALA F 36 -21.38 6.09 25.02
C ALA F 36 -22.21 4.87 24.63
N ALA F 37 -23.26 5.06 23.83
CA ALA F 37 -24.01 3.92 23.33
C ALA F 37 -23.09 2.93 22.64
N ARG F 38 -22.20 3.41 21.77
CA ARG F 38 -21.21 2.54 21.16
C ARG F 38 -20.38 1.82 22.24
N ASN F 39 -19.82 2.57 23.19
CA ASN F 39 -18.91 1.94 24.14
C ASN F 39 -19.61 0.89 24.98
N ALA F 40 -20.88 1.11 25.34
CA ALA F 40 -21.62 0.07 26.07
C ALA F 40 -21.93 -1.13 25.19
N PHE F 41 -22.12 -0.90 23.87
CA PHE F 41 -22.37 -2.01 22.95
C PHE F 41 -21.17 -2.93 22.88
N GLU F 42 -20.00 -2.35 22.60
CA GLU F 42 -18.78 -3.14 22.48
C GLU F 42 -18.41 -3.78 23.80
N ALA F 43 -18.89 -3.26 24.93
CA ALA F 43 -18.63 -3.85 26.23
C ALA F 43 -19.70 -4.84 26.68
N GLY F 44 -20.73 -5.11 25.87
CA GLY F 44 -21.73 -6.12 26.19
C GLY F 44 -22.81 -5.66 27.14
N ASP F 45 -22.77 -4.41 27.60
CA ASP F 45 -23.82 -3.91 28.49
C ASP F 45 -25.01 -3.52 27.64
N LEU F 46 -25.76 -4.52 27.21
CA LEU F 46 -26.86 -4.21 26.31
C LEU F 46 -27.95 -3.43 27.04
N ALA F 47 -28.11 -3.64 28.34
CA ALA F 47 -29.14 -2.89 29.04
C ALA F 47 -28.82 -1.39 29.08
N ARG F 48 -27.53 -1.01 29.08
CA ARG F 48 -27.18 0.40 29.02
C ARG F 48 -27.43 0.98 27.63
N VAL F 49 -27.04 0.23 26.60
CA VAL F 49 -27.36 0.62 25.23
C VAL F 49 -28.83 0.97 25.13
N ALA F 50 -29.70 0.05 25.56
CA ALA F 50 -31.12 0.32 25.43
C ALA F 50 -31.52 1.59 26.18
N ASN F 51 -30.87 1.86 27.32
CA ASN F 51 -31.16 3.10 28.04
C ASN F 51 -30.73 4.32 27.22
N LEU F 52 -29.52 4.28 26.66
CA LEU F 52 -29.02 5.41 25.88
C LEU F 52 -29.89 5.68 24.65
N LEU F 53 -30.43 4.62 24.04
CA LEU F 53 -31.25 4.80 22.85
C LEU F 53 -32.59 5.42 23.20
N ALA F 54 -33.16 5.08 24.35
CA ALA F 54 -34.40 5.78 24.73
C ALA F 54 -34.10 7.24 24.99
N GLU F 55 -32.95 7.51 25.59
CA GLU F 55 -32.55 8.88 25.81
C GLU F 55 -32.33 9.61 24.48
N LEU F 56 -31.55 9.00 23.58
CA LEU F 56 -31.35 9.59 22.25
C LEU F 56 -32.69 9.84 21.55
N LYS F 57 -33.61 8.86 21.58
CA LYS F 57 -34.93 9.03 20.98
C LYS F 57 -35.57 10.36 21.42
N GLU F 58 -35.56 10.64 22.72
CA GLU F 58 -36.16 11.88 23.21
C GLU F 58 -35.39 13.11 22.70
N LEU F 59 -34.06 13.08 22.81
CA LEU F 59 -33.25 14.22 22.39
C LEU F 59 -33.34 14.48 20.90
N PHE F 60 -33.40 13.43 20.08
CA PHE F 60 -33.48 13.65 18.64
C PHE F 60 -34.84 14.26 18.25
N LYS F 61 -35.91 13.82 18.89
CA LYS F 61 -37.23 14.40 18.67
C LYS F 61 -37.25 15.90 19.01
N LYS F 62 -36.57 16.29 20.07
CA LYS F 62 -36.46 17.72 20.35
C LYS F 62 -35.69 18.41 19.23
N ASP F 63 -34.48 17.89 18.95
CA ASP F 63 -33.61 18.47 17.93
C ASP F 63 -34.37 18.67 16.64
N LEU F 64 -35.10 17.63 16.21
CA LEU F 64 -35.86 17.71 14.96
C LEU F 64 -36.94 18.77 15.03
N ASN F 65 -37.70 18.82 16.14
CA ASN F 65 -38.80 19.79 16.21
C ASN F 65 -38.26 21.20 16.32
N LEU F 66 -37.12 21.37 16.99
CA LEU F 66 -36.45 22.67 17.00
C LEU F 66 -36.08 23.12 15.60
N ALA F 67 -35.59 22.19 14.76
CA ALA F 67 -35.19 22.56 13.41
C ALA F 67 -36.41 22.93 12.57
N ASN F 68 -37.52 22.22 12.77
CA ASN F 68 -38.75 22.58 12.07
C ASN F 68 -39.22 23.98 12.49
N ALA F 69 -39.10 24.30 13.80
CA ALA F 69 -39.55 25.59 14.35
C ALA F 69 -38.69 26.76 13.84
N MET F 70 -37.36 26.63 13.93
CA MET F 70 -36.49 27.58 13.23
C MET F 70 -36.91 27.73 11.78
N ALA F 71 -37.05 26.61 11.07
CA ALA F 71 -37.41 26.71 9.67
C ALA F 71 -38.69 27.49 9.53
N ALA F 72 -39.61 27.33 10.49
CA ALA F 72 -40.90 27.98 10.42
C ALA F 72 -40.75 29.49 10.62
N GLU F 73 -40.04 29.89 11.70
CA GLU F 73 -39.83 31.31 11.95
C GLU F 73 -39.00 31.96 10.84
N ALA F 74 -37.99 31.28 10.34
CA ALA F 74 -37.29 31.83 9.17
C ALA F 74 -38.28 32.22 8.11
N ALA F 75 -39.35 31.44 7.93
CA ALA F 75 -40.26 31.66 6.81
C ALA F 75 -41.26 32.79 7.07
N GLU F 76 -41.73 32.97 8.32
CA GLU F 76 -42.57 34.12 8.66
C GLU F 76 -41.78 35.42 8.56
N ALA F 77 -40.46 35.36 8.71
CA ALA F 77 -39.60 36.53 8.79
C ALA F 77 -38.91 36.85 7.47
N GLY F 78 -39.24 36.14 6.40
CA GLY F 78 -38.67 36.42 5.09
C GLY F 78 -37.21 36.03 4.91
N ASN F 79 -36.53 35.56 5.95
CA ASN F 79 -35.11 35.27 5.87
C ASN F 79 -34.76 34.17 4.85
N LYS F 80 -34.72 34.55 3.56
CA LYS F 80 -34.58 33.61 2.46
C LYS F 80 -33.42 32.64 2.68
N GLU F 81 -32.31 33.15 3.19
CA GLU F 81 -31.08 32.37 3.23
C GLU F 81 -31.13 31.35 4.36
N ALA F 82 -31.67 31.74 5.51
CA ALA F 82 -31.83 30.79 6.61
C ALA F 82 -32.77 29.67 6.21
N VAL F 83 -33.86 30.02 5.50
CA VAL F 83 -34.80 29.01 5.05
C VAL F 83 -34.07 27.94 4.24
N ALA F 84 -33.25 28.36 3.28
CA ALA F 84 -32.53 27.42 2.44
C ALA F 84 -31.59 26.55 3.26
N LEU F 85 -30.94 27.12 4.26
CA LEU F 85 -30.00 26.33 5.05
C LEU F 85 -30.74 25.37 5.98
N LEU F 86 -31.87 25.80 6.53
CA LEU F 86 -32.58 24.94 7.47
C LEU F 86 -33.18 23.76 6.72
N ALA F 87 -33.73 24.01 5.55
CA ALA F 87 -34.29 22.92 4.75
C ALA F 87 -33.23 21.91 4.38
N GLU F 88 -32.00 22.37 4.16
CA GLU F 88 -30.87 21.46 4.00
C GLU F 88 -30.62 20.68 5.28
N GLN F 89 -30.74 21.34 6.42
CA GLN F 89 -30.48 20.60 7.63
C GLN F 89 -31.58 19.59 7.91
N LEU F 90 -32.82 19.91 7.55
CA LEU F 90 -33.91 18.99 7.83
C LEU F 90 -33.80 17.72 7.00
N GLU F 91 -33.30 17.80 5.76
CA GLU F 91 -33.07 16.58 4.99
C GLU F 91 -32.01 15.70 5.65
N ARG F 92 -30.96 16.31 6.19
CA ARG F 92 -29.94 15.53 6.87
C ARG F 92 -30.51 14.88 8.13
N LEU F 93 -31.36 15.62 8.86
CA LEU F 93 -31.92 15.07 10.09
C LEU F 93 -32.92 13.96 9.80
N LYS F 94 -33.66 14.07 8.69
CA LYS F 94 -34.59 13.00 8.34
C LYS F 94 -33.83 11.73 7.97
N LYS F 95 -32.68 11.87 7.30
CA LYS F 95 -31.85 10.70 7.06
C LYS F 95 -31.31 10.13 8.36
N ILE F 96 -30.88 10.96 9.30
CA ILE F 96 -30.43 10.41 10.59
C ILE F 96 -31.57 9.69 11.33
N GLN F 97 -32.79 10.22 11.24
CA GLN F 97 -33.95 9.58 11.88
C GLN F 97 -34.14 8.16 11.36
N ALA F 98 -34.14 8.01 10.03
CA ALA F 98 -34.22 6.69 9.40
C ALA F 98 -33.06 5.79 9.83
N MET F 99 -31.85 6.33 9.89
CA MET F 99 -30.72 5.52 10.33
C MET F 99 -30.93 5.09 11.78
N PHE F 100 -31.47 5.98 12.59
CA PHE F 100 -31.75 5.68 13.98
C PHE F 100 -32.76 4.55 14.10
N ALA F 101 -33.85 4.63 13.33
CA ALA F 101 -34.84 3.57 13.36
C ALA F 101 -34.24 2.23 12.92
N ALA F 102 -33.36 2.23 11.92
CA ALA F 102 -32.71 0.98 11.53
C ALA F 102 -31.73 0.50 12.60
N ALA F 103 -31.08 1.42 13.31
CA ALA F 103 -30.19 0.97 14.36
C ALA F 103 -31.00 0.37 15.51
N VAL F 104 -32.16 0.96 15.81
CA VAL F 104 -33.06 0.37 16.82
C VAL F 104 -33.44 -1.07 16.44
N ASN F 105 -33.84 -1.28 15.17
CA ASN F 105 -34.17 -2.64 14.75
C ASN F 105 -32.96 -3.58 14.84
N ALA F 106 -31.80 -3.15 14.32
CA ALA F 106 -30.64 -4.03 14.35
C ALA F 106 -30.28 -4.44 15.78
N PHE F 107 -30.38 -3.50 16.73
CA PHE F 107 -30.15 -3.80 18.14
C PHE F 107 -31.14 -4.85 18.63
N ARG F 108 -32.42 -4.68 18.31
CA ARG F 108 -33.41 -5.64 18.79
C ARG F 108 -33.27 -6.99 18.13
N ALA F 109 -32.91 -7.05 16.84
CA ALA F 109 -32.68 -8.33 16.19
C ALA F 109 -31.35 -8.94 16.53
N GLY F 110 -30.50 -8.26 17.31
CA GLY F 110 -29.17 -8.79 17.50
C GLY F 110 -28.33 -8.83 16.23
N ASP F 111 -28.60 -7.96 15.25
CA ASP F 111 -27.73 -7.87 14.06
C ASP F 111 -26.56 -6.97 14.40
N ARG F 112 -25.50 -7.57 14.95
CA ARG F 112 -24.41 -6.77 15.51
C ARG F 112 -23.66 -5.98 14.45
N GLU F 113 -23.44 -6.56 13.27
CA GLU F 113 -22.70 -5.83 12.24
C GLU F 113 -23.49 -4.63 11.72
N ALA F 114 -24.80 -4.81 11.45
CA ALA F 114 -25.63 -3.68 11.06
C ALA F 114 -25.65 -2.59 12.13
N PHE F 115 -25.77 -3.00 13.40
CA PHE F 115 -25.80 -2.03 14.49
C PHE F 115 -24.48 -1.23 14.55
N GLY F 116 -23.34 -1.92 14.48
CA GLY F 116 -22.06 -1.24 14.53
C GLY F 116 -21.85 -0.33 13.34
N ALA F 117 -22.22 -0.80 12.15
CA ALA F 117 -22.07 0.06 10.99
C ALA F 117 -23.01 1.27 11.11
N LEU F 118 -24.21 1.04 11.61
CA LEU F 118 -25.17 2.13 11.73
C LEU F 118 -24.69 3.14 12.76
N LEU F 119 -24.25 2.67 13.93
CA LEU F 119 -23.62 3.55 14.93
C LEU F 119 -22.58 4.46 14.30
N GLU F 120 -21.67 3.87 13.49
CA GLU F 120 -20.59 4.65 12.89
C GLU F 120 -21.13 5.69 11.92
N ALA F 121 -22.02 5.23 11.04
CA ALA F 121 -22.65 6.13 10.08
C ALA F 121 -23.43 7.25 10.78
N ILE F 122 -24.11 6.95 11.89
CA ILE F 122 -24.85 8.03 12.54
C ILE F 122 -23.89 9.06 13.13
N ILE F 123 -22.81 8.59 13.76
CA ILE F 123 -21.86 9.55 14.32
C ILE F 123 -21.25 10.40 13.21
N ASN F 124 -20.93 9.80 12.07
CA ASN F 124 -20.33 10.55 10.99
C ASN F 124 -21.33 11.51 10.34
N GLU F 125 -22.62 11.19 10.43
CA GLU F 125 -23.61 12.16 9.96
C GLU F 125 -23.70 13.35 10.91
N GLY F 126 -23.65 13.11 12.22
CA GLY F 126 -23.73 14.21 13.16
C GLY F 126 -22.52 15.12 13.08
N LYS F 127 -21.35 14.55 12.80
CA LYS F 127 -20.16 15.37 12.65
C LYS F 127 -20.23 16.23 11.39
N ALA F 128 -20.78 15.69 10.31
CA ALA F 128 -20.93 16.48 9.10
C ALA F 128 -22.04 17.52 9.19
N LEU F 129 -22.79 17.56 10.30
CA LEU F 129 -23.82 18.59 10.44
C LEU F 129 -23.22 19.90 10.91
N LEU F 130 -22.39 19.81 11.99
CA LEU F 130 -21.71 20.89 12.70
C LEU F 130 -21.35 22.07 11.81
N PRO F 131 -20.65 21.83 10.69
CA PRO F 131 -20.44 22.91 9.71
C PRO F 131 -21.70 23.60 9.20
N LEU F 132 -22.69 22.86 8.72
CA LEU F 132 -23.91 23.52 8.24
C LEU F 132 -24.62 24.21 9.39
N VAL F 133 -24.46 23.70 10.62
CA VAL F 133 -25.00 24.38 11.78
C VAL F 133 -24.33 25.73 11.95
N GLU F 134 -22.99 25.74 11.89
CA GLU F 134 -22.25 26.99 11.94
C GLU F 134 -22.74 27.97 10.86
N ALA F 135 -23.04 27.47 9.65
CA ALA F 135 -23.55 28.35 8.61
C ALA F 135 -24.91 28.93 8.95
N ILE F 136 -25.72 28.18 9.69
CA ILE F 136 -27.03 28.69 10.09
C ILE F 136 -26.89 29.75 11.18
N LYS F 137 -25.95 29.55 12.12
CA LYS F 137 -25.65 30.60 13.09
C LYS F 137 -25.41 31.94 12.40
N GLU F 138 -24.72 31.93 11.25
CA GLU F 138 -24.33 33.18 10.60
C GLU F 138 -25.42 33.72 9.68
N ALA F 139 -26.53 33.00 9.52
CA ALA F 139 -27.61 33.48 8.67
C ALA F 139 -28.76 34.10 9.45
N ILE F 140 -28.82 33.88 10.76
CA ILE F 140 -29.93 34.37 11.55
C ILE F 140 -29.47 35.59 12.36
CL CL G . 26.75 11.26 -8.93
#